data_4U16
#
_entry.id   4U16
#
_cell.length_a   153.391
_cell.length_b   187.180
_cell.length_c   53.548
_cell.angle_alpha   90.00
_cell.angle_beta   99.78
_cell.angle_gamma   90.00
#
_symmetry.space_group_name_H-M   'C 1 2 1'
#
loop_
_entity.id
_entity.type
_entity.pdbx_description
1 polymer 'Muscarinic acetylcholine receptor M3,Lysozyme,Muscarinic acetylcholine receptor M3'
2 non-polymer 'D(-)-TARTARIC ACID'
3 non-polymer 'N-methyl scopolamine'
#
_entity_poly.entity_id   1
_entity_poly.type   'polypeptide(L)'
_entity_poly.pdbx_seq_one_letter_code
;GDPLGGHTIWQVVFIAFLTGFLALVTIIGNILVIVAFKVNKQLKTVNNYFLLSLACADLIIGVISMNLFTTYIIMNRWAL
GNLACDLWLSIDYVASNASVMNLLVISFDRYFSITRPLTYRAKRTTKRAGVMIGLAWVISFVLWAPAILFWQYFVGKRTV
PPGECFIQFLSEPTITFGTAIAAFYMPVTIMTILYWRIYKETEKMNIFEMLRIDEGGGSGGDEAEKLFNQDVDAAVRGIL
RNAKLKPVYDSLDAVRRAALINMVFQMGETGVAGFTNSLRMLQQKRWDEAAVNLAKSRWYNQTPNRAKRVITTFRTGTWD
AYLIKEKKAAQTLSAILLAFIITWTPYNIMVLVNTFCDSCIPKTYWNLGYWLCYINSTVNPVCYALCNKTFRTTFKTLLL
CQCDKRKRRKHHHHHHHH
;
_entity_poly.pdbx_strand_id   A,B
#
loop_
_chem_comp.id
_chem_comp.type
_chem_comp.name
_chem_comp.formula
3C0 non-polymer 'N-methyl scopolamine' 'C18 H24 N O4 1'
TAR non-polymer 'D(-)-TARTARIC ACID' 'C4 H6 O6'
#
# COMPACT_ATOMS: atom_id res chain seq x y z
N THR A 8 17.10 -28.61 25.78
CA THR A 8 17.34 -28.59 27.22
C THR A 8 17.41 -27.16 27.74
N ILE A 9 18.30 -26.94 28.70
CA ILE A 9 18.49 -25.61 29.28
C ILE A 9 19.88 -25.08 28.96
N TRP A 10 20.76 -25.96 28.51
CA TRP A 10 22.12 -25.58 28.14
C TRP A 10 22.11 -24.65 26.93
N GLN A 11 21.15 -24.87 26.03
CA GLN A 11 21.00 -24.02 24.86
C GLN A 11 20.27 -22.73 25.22
N VAL A 12 19.46 -22.80 26.28
CA VAL A 12 18.73 -21.63 26.77
C VAL A 12 19.71 -20.59 27.29
N VAL A 13 20.71 -21.05 28.03
CA VAL A 13 21.75 -20.18 28.55
C VAL A 13 22.53 -19.51 27.42
N PHE A 14 22.87 -20.30 26.41
CA PHE A 14 23.58 -19.78 25.24
C PHE A 14 22.69 -18.83 24.45
N ILE A 15 21.40 -19.12 24.41
CA ILE A 15 20.45 -18.27 23.70
C ILE A 15 20.28 -16.92 24.40
N ALA A 16 20.30 -16.95 25.73
CA ALA A 16 20.13 -15.73 26.53
C ALA A 16 21.39 -14.87 26.50
N PHE A 17 22.54 -15.49 26.29
CA PHE A 17 23.81 -14.77 26.25
C PHE A 17 23.99 -14.05 24.92
N LEU A 18 23.67 -14.73 23.83
CA LEU A 18 23.79 -14.16 22.50
C LEU A 18 22.79 -13.03 22.30
N THR A 19 21.56 -13.25 22.75
CA THR A 19 20.50 -12.25 22.60
C THR A 19 20.73 -11.06 23.53
N GLY A 20 21.41 -11.31 24.65
CA GLY A 20 21.71 -10.26 25.61
C GLY A 20 22.84 -9.37 25.14
N PHE A 21 23.77 -9.95 24.40
CA PHE A 21 24.91 -9.22 23.86
C PHE A 21 24.47 -8.23 22.80
N LEU A 22 23.57 -8.66 21.93
CA LEU A 22 23.09 -7.82 20.83
C LEU A 22 22.16 -6.71 21.32
N ALA A 23 21.63 -6.86 22.53
CA ALA A 23 20.71 -5.89 23.09
C ALA A 23 21.43 -4.62 23.52
N LEU A 24 22.52 -4.79 24.28
CA LEU A 24 23.25 -3.66 24.83
C LEU A 24 24.11 -2.94 23.79
N VAL A 25 24.70 -3.70 22.87
CA VAL A 25 25.57 -3.13 21.86
C VAL A 25 24.75 -2.26 20.90
N THR A 26 23.47 -2.57 20.78
CA THR A 26 22.56 -1.75 19.99
C THR A 26 22.27 -0.46 20.72
N ILE A 27 22.06 -0.57 22.02
CA ILE A 27 21.79 0.57 22.89
C ILE A 27 23.01 1.49 22.98
N ILE A 28 24.18 0.92 23.22
CA ILE A 28 25.42 1.67 23.29
C ILE A 28 25.66 2.46 22.00
N GLY A 29 25.51 1.78 20.87
CA GLY A 29 25.67 2.40 19.58
C GLY A 29 24.71 3.55 19.36
N ASN A 30 23.46 3.37 19.79
CA ASN A 30 22.44 4.40 19.62
C ASN A 30 22.63 5.58 20.57
N ILE A 31 23.01 5.30 21.82
CA ILE A 31 23.24 6.35 22.79
C ILE A 31 24.46 7.18 22.40
N LEU A 32 25.50 6.51 21.93
CA LEU A 32 26.73 7.17 21.49
C LEU A 32 26.45 8.14 20.34
N VAL A 33 25.51 7.77 19.47
CA VAL A 33 25.14 8.61 18.34
C VAL A 33 24.42 9.88 18.81
N ILE A 34 23.48 9.71 19.74
CA ILE A 34 22.71 10.85 20.28
C ILE A 34 23.61 11.83 21.02
N VAL A 35 24.56 11.31 21.79
CA VAL A 35 25.51 12.15 22.51
C VAL A 35 26.38 12.92 21.52
N ALA A 36 26.75 12.27 20.43
CA ALA A 36 27.56 12.89 19.39
C ALA A 36 26.75 13.91 18.58
N PHE A 37 25.44 13.92 18.80
CA PHE A 37 24.54 14.85 18.11
C PHE A 37 24.23 16.06 18.99
N LYS A 38 24.11 15.81 20.30
CA LYS A 38 23.78 16.87 21.25
C LYS A 38 24.99 17.70 21.65
N VAL A 39 26.17 17.09 21.60
CA VAL A 39 27.40 17.78 21.97
C VAL A 39 27.97 18.58 20.80
N ASN A 40 28.45 17.88 19.78
CA ASN A 40 29.03 18.53 18.61
C ASN A 40 27.97 19.25 17.78
N LYS A 41 28.20 20.55 17.54
CA LYS A 41 27.25 21.36 16.79
C LYS A 41 27.58 21.36 15.30
N GLN A 42 28.39 20.40 14.88
CA GLN A 42 28.77 20.28 13.47
C GLN A 42 28.18 19.00 12.86
N LEU A 43 27.35 18.31 13.64
CA LEU A 43 26.75 17.07 13.18
C LEU A 43 25.22 17.15 13.17
N LYS A 44 24.69 18.37 13.26
CA LYS A 44 23.25 18.58 13.25
C LYS A 44 22.78 19.10 11.90
N THR A 45 23.27 18.48 10.83
CA THR A 45 22.92 18.89 9.47
C THR A 45 21.53 18.37 9.08
N VAL A 46 21.12 18.66 7.85
CA VAL A 46 19.81 18.26 7.35
C VAL A 46 19.69 16.74 7.27
N ASN A 47 20.67 16.11 6.63
CA ASN A 47 20.65 14.66 6.45
C ASN A 47 21.00 13.93 7.75
N ASN A 48 21.79 14.58 8.61
CA ASN A 48 22.19 13.98 9.87
C ASN A 48 21.14 14.17 10.96
N TYR A 49 20.13 14.99 10.66
CA TYR A 49 19.01 15.20 11.58
C TYR A 49 18.04 14.04 11.44
N PHE A 50 17.97 13.47 10.24
CA PHE A 50 17.12 12.31 9.97
C PHE A 50 17.76 11.05 10.54
N LEU A 51 19.08 11.08 10.71
CA LEU A 51 19.81 9.97 11.30
C LEU A 51 19.65 9.97 12.82
N LEU A 52 19.10 11.04 13.36
CA LEU A 52 18.81 11.13 14.78
C LEU A 52 17.52 10.38 15.11
N SER A 53 16.52 10.55 14.24
CA SER A 53 15.24 9.86 14.40
C SER A 53 15.42 8.35 14.27
N LEU A 54 16.37 7.94 13.44
CA LEU A 54 16.71 6.53 13.29
C LEU A 54 17.39 6.02 14.54
N ALA A 55 18.29 6.83 15.10
CA ALA A 55 19.01 6.46 16.31
C ALA A 55 18.07 6.43 17.51
N CYS A 56 17.03 7.25 17.47
CA CYS A 56 16.04 7.27 18.54
C CYS A 56 15.15 6.04 18.48
N ALA A 57 14.65 5.72 17.29
CA ALA A 57 13.76 4.59 17.10
C ALA A 57 14.46 3.26 17.38
N ASP A 58 15.71 3.15 16.95
CA ASP A 58 16.48 1.92 17.14
C ASP A 58 16.87 1.71 18.60
N LEU A 59 16.97 2.80 19.34
CA LEU A 59 17.33 2.74 20.76
C LEU A 59 16.18 2.13 21.56
N ILE A 60 14.96 2.51 21.20
CA ILE A 60 13.76 2.00 21.87
C ILE A 60 13.63 0.49 21.68
N ILE A 61 13.92 0.03 20.46
CA ILE A 61 13.87 -1.39 20.15
C ILE A 61 14.91 -2.16 20.95
N GLY A 62 16.08 -1.57 21.12
CA GLY A 62 17.17 -2.21 21.83
C GLY A 62 16.97 -2.32 23.32
N VAL A 63 16.18 -1.41 23.88
CA VAL A 63 15.99 -1.35 25.33
C VAL A 63 14.71 -2.05 25.77
N ILE A 64 13.72 -2.12 24.87
CA ILE A 64 12.43 -2.71 25.22
C ILE A 64 12.12 -3.97 24.41
N SER A 65 12.01 -3.81 23.09
CA SER A 65 11.62 -4.92 22.22
C SER A 65 12.63 -6.06 22.25
N MET A 66 13.92 -5.72 22.41
CA MET A 66 14.97 -6.73 22.46
C MET A 66 14.96 -7.45 23.82
N ASN A 67 14.49 -6.76 24.84
CA ASN A 67 14.49 -7.29 26.20
C ASN A 67 13.24 -8.10 26.51
N LEU A 68 12.12 -7.75 25.87
CA LEU A 68 10.84 -8.39 26.17
C LEU A 68 10.60 -9.62 25.29
N PHE A 69 10.98 -9.53 24.02
CA PHE A 69 10.75 -10.63 23.09
C PHE A 69 11.64 -11.83 23.41
N THR A 70 12.74 -11.58 24.11
CA THR A 70 13.65 -12.64 24.50
C THR A 70 13.03 -13.54 25.55
N THR A 71 12.26 -12.95 26.45
CA THR A 71 11.58 -13.69 27.51
C THR A 71 10.49 -14.59 26.92
N TYR A 72 9.85 -14.10 25.86
CA TYR A 72 8.80 -14.86 25.18
C TYR A 72 9.35 -16.14 24.56
N ILE A 73 10.63 -16.13 24.23
CA ILE A 73 11.27 -17.30 23.64
C ILE A 73 11.84 -18.22 24.71
N ILE A 74 12.43 -17.63 25.74
CA ILE A 74 13.03 -18.39 26.84
C ILE A 74 11.98 -19.15 27.63
N MET A 75 11.07 -18.42 28.26
CA MET A 75 10.02 -19.03 29.07
C MET A 75 8.95 -19.68 28.21
N ASN A 76 8.98 -19.36 26.92
CA ASN A 76 8.02 -19.87 25.94
C ASN A 76 6.57 -19.54 26.32
N ARG A 77 6.40 -18.44 27.05
CA ARG A 77 5.08 -18.00 27.49
C ARG A 77 5.11 -16.52 27.90
N TRP A 78 4.03 -15.81 27.61
CA TRP A 78 3.94 -14.39 27.96
C TRP A 78 3.33 -14.22 29.34
N ALA A 79 4.15 -13.83 30.31
CA ALA A 79 3.69 -13.63 31.67
C ALA A 79 3.93 -12.20 32.12
N LEU A 80 3.26 -11.25 31.49
CA LEU A 80 3.40 -9.84 31.83
C LEU A 80 2.05 -9.15 31.92
N GLY A 81 1.00 -9.87 31.52
CA GLY A 81 -0.35 -9.34 31.54
C GLY A 81 -0.87 -9.04 30.15
N ASN A 82 -2.07 -8.50 30.08
CA ASN A 82 -2.68 -8.15 28.80
C ASN A 82 -2.41 -6.70 28.41
N LEU A 83 -2.18 -5.87 29.42
CA LEU A 83 -1.89 -4.46 29.18
C LEU A 83 -0.42 -4.29 28.79
N ALA A 84 0.41 -5.24 29.18
CA ALA A 84 1.83 -5.21 28.84
C ALA A 84 2.09 -5.82 27.47
N CYS A 85 1.08 -6.51 26.95
CA CYS A 85 1.21 -7.18 25.65
C CYS A 85 0.92 -6.22 24.50
N ASP A 86 -0.23 -5.55 24.57
CA ASP A 86 -0.65 -4.65 23.49
C ASP A 86 0.21 -3.39 23.42
N LEU A 87 0.86 -3.05 24.53
CA LEU A 87 1.75 -1.89 24.55
C LEU A 87 3.08 -2.22 23.90
N TRP A 88 3.65 -3.37 24.26
CA TRP A 88 4.93 -3.80 23.70
C TRP A 88 4.85 -3.98 22.18
N LEU A 89 3.69 -4.42 21.70
CA LEU A 89 3.46 -4.57 20.27
C LEU A 89 3.34 -3.20 19.60
N SER A 90 2.67 -2.27 20.27
CA SER A 90 2.50 -0.92 19.76
C SER A 90 3.85 -0.21 19.70
N ILE A 91 4.65 -0.37 20.74
CA ILE A 91 5.99 0.22 20.81
C ILE A 91 6.87 -0.32 19.68
N ASP A 92 6.81 -1.63 19.47
CA ASP A 92 7.65 -2.29 18.47
C ASP A 92 7.23 -1.95 17.04
N TYR A 93 5.93 -1.75 16.85
CA TYR A 93 5.39 -1.54 15.51
C TYR A 93 5.42 -0.07 15.07
N VAL A 94 5.29 0.85 16.02
CA VAL A 94 5.32 2.27 15.70
C VAL A 94 6.76 2.75 15.45
N ALA A 95 7.68 2.30 16.30
CA ALA A 95 9.09 2.68 16.17
C ALA A 95 9.70 2.18 14.87
N SER A 96 9.33 0.96 14.48
CA SER A 96 9.85 0.35 13.26
C SER A 96 9.16 0.91 12.02
N ASN A 97 7.95 1.44 12.20
CA ASN A 97 7.23 2.08 11.09
C ASN A 97 7.73 3.51 10.87
N ALA A 98 8.06 4.19 11.96
CA ALA A 98 8.68 5.51 11.86
C ALA A 98 10.07 5.35 11.25
N SER A 99 10.66 4.18 11.48
CA SER A 99 11.98 3.86 10.96
C SER A 99 11.98 3.81 9.44
N VAL A 100 10.98 3.14 8.86
CA VAL A 100 10.91 3.03 7.41
C VAL A 100 10.47 4.36 6.80
N MET A 101 9.81 5.19 7.60
CA MET A 101 9.42 6.52 7.14
C MET A 101 10.64 7.42 7.10
N ASN A 102 11.51 7.28 8.10
CA ASN A 102 12.76 8.04 8.13
C ASN A 102 13.64 7.70 6.92
N LEU A 103 13.70 6.41 6.58
CA LEU A 103 14.48 5.95 5.44
C LEU A 103 13.93 6.49 4.13
N LEU A 104 12.61 6.67 4.08
CA LEU A 104 11.97 7.23 2.89
C LEU A 104 12.30 8.72 2.76
N VAL A 105 12.39 9.41 3.89
CA VAL A 105 12.73 10.83 3.90
C VAL A 105 14.19 11.03 3.49
N ILE A 106 15.06 10.18 4.03
CA ILE A 106 16.48 10.20 3.68
C ILE A 106 16.67 9.96 2.18
N SER A 107 15.92 9.01 1.64
CA SER A 107 16.03 8.66 0.23
C SER A 107 15.37 9.70 -0.68
N PHE A 108 14.47 10.49 -0.11
CA PHE A 108 13.80 11.55 -0.87
C PHE A 108 14.68 12.80 -0.96
N ASP A 109 15.51 13.00 0.05
CA ASP A 109 16.39 14.17 0.09
C ASP A 109 17.48 14.10 -0.96
N ARG A 110 18.06 12.92 -1.13
CA ARG A 110 19.14 12.75 -2.09
C ARG A 110 18.63 12.67 -3.53
N TYR A 111 17.40 12.19 -3.70
CA TYR A 111 16.83 12.06 -5.04
C TYR A 111 16.45 13.42 -5.62
N PHE A 112 15.96 14.32 -4.77
CA PHE A 112 15.57 15.66 -5.21
C PHE A 112 16.78 16.59 -5.30
N SER A 113 17.86 16.23 -4.61
CA SER A 113 19.07 17.04 -4.60
C SER A 113 19.92 16.76 -5.83
N ILE A 114 19.58 15.69 -6.56
CA ILE A 114 20.30 15.32 -7.77
C ILE A 114 19.44 15.57 -9.00
N THR A 115 18.18 15.16 -8.94
CA THR A 115 17.26 15.34 -10.06
C THR A 115 16.87 16.81 -10.22
N ARG A 116 16.59 17.47 -9.11
CA ARG A 116 16.24 18.89 -9.14
C ARG A 116 17.13 19.71 -8.21
N PRO A 117 18.39 19.91 -8.60
CA PRO A 117 19.33 20.67 -7.77
C PRO A 117 19.13 22.17 -7.87
N LEU A 118 18.19 22.60 -8.70
CA LEU A 118 17.95 24.01 -8.95
C LEU A 118 16.86 24.59 -8.05
N THR A 119 15.88 23.75 -7.71
CA THR A 119 14.76 24.19 -6.87
C THR A 119 14.49 23.23 -5.73
N TYR A 120 15.54 22.83 -5.02
CA TYR A 120 15.41 21.97 -3.86
C TYR A 120 16.62 22.07 -2.94
N ARG A 121 17.80 22.20 -3.54
CA ARG A 121 19.04 22.27 -2.77
C ARG A 121 19.07 23.50 -1.86
N ALA A 122 18.34 24.54 -2.25
CA ALA A 122 18.27 25.76 -1.46
C ALA A 122 16.97 25.81 -0.65
N LYS A 123 16.28 24.68 -0.55
CA LYS A 123 15.03 24.60 0.17
C LYS A 123 15.14 23.69 1.40
N ARG A 124 16.20 22.90 1.44
CA ARG A 124 16.43 21.98 2.56
C ARG A 124 16.80 22.75 3.82
N THR A 125 15.83 22.91 4.72
CA THR A 125 16.05 23.64 5.97
C THR A 125 15.85 22.74 7.18
N THR A 126 16.14 23.28 8.36
CA THR A 126 15.94 22.54 9.61
C THR A 126 14.47 22.49 9.97
N LYS A 127 13.74 23.53 9.56
CA LYS A 127 12.30 23.62 9.81
C LYS A 127 11.55 22.50 9.11
N ARG A 128 11.84 22.29 7.83
CA ARG A 128 11.18 21.25 7.04
C ARG A 128 11.65 19.86 7.46
N ALA A 129 12.81 19.79 8.09
CA ALA A 129 13.36 18.52 8.55
C ALA A 129 12.69 18.07 9.84
N GLY A 130 12.40 19.05 10.72
CA GLY A 130 11.76 18.76 11.99
C GLY A 130 10.32 18.31 11.81
N VAL A 131 9.67 18.82 10.77
CA VAL A 131 8.27 18.48 10.48
C VAL A 131 8.16 17.07 9.92
N MET A 132 9.08 16.73 9.00
CA MET A 132 9.10 15.41 8.39
C MET A 132 9.24 14.31 9.45
N ILE A 133 10.11 14.56 10.43
CA ILE A 133 10.30 13.61 11.52
C ILE A 133 9.07 13.57 12.42
N GLY A 134 8.58 14.75 12.79
CA GLY A 134 7.40 14.86 13.64
C GLY A 134 6.19 14.15 13.05
N LEU A 135 5.97 14.34 11.76
CA LEU A 135 4.84 13.70 11.08
C LEU A 135 5.04 12.19 10.99
N ALA A 136 6.29 11.77 10.82
CA ALA A 136 6.63 10.36 10.68
C ALA A 136 6.25 9.55 11.92
N TRP A 137 6.46 10.15 13.10
CA TRP A 137 6.14 9.49 14.36
C TRP A 137 4.63 9.51 14.62
N VAL A 138 3.96 10.56 14.17
CA VAL A 138 2.51 10.68 14.35
C VAL A 138 1.75 9.72 13.46
N ILE A 139 2.14 9.68 12.19
CA ILE A 139 1.51 8.78 11.23
C ILE A 139 1.65 7.32 11.64
N SER A 140 2.83 6.97 12.16
CA SER A 140 3.09 5.62 12.63
C SER A 140 2.23 5.26 13.84
N PHE A 141 1.84 6.28 14.60
CA PHE A 141 1.03 6.08 15.79
C PHE A 141 -0.42 5.79 15.44
N VAL A 142 -0.97 6.55 14.51
CA VAL A 142 -2.37 6.42 14.13
C VAL A 142 -2.65 5.07 13.46
N LEU A 143 -1.65 4.50 12.80
CA LEU A 143 -1.83 3.26 12.06
C LEU A 143 -1.65 2.01 12.91
N TRP A 144 -1.08 2.15 14.09
CA TRP A 144 -0.77 0.98 14.91
C TRP A 144 -1.40 1.02 16.30
N ALA A 145 -1.30 2.16 16.98
CA ALA A 145 -1.79 2.28 18.35
C ALA A 145 -3.28 1.95 18.51
N PRO A 146 -4.16 2.51 17.65
CA PRO A 146 -5.56 2.10 17.83
C PRO A 146 -5.82 0.68 17.32
N ALA A 147 -5.03 0.24 16.34
CA ALA A 147 -5.23 -1.05 15.71
C ALA A 147 -4.78 -2.21 16.59
N ILE A 148 -3.99 -1.90 17.61
CA ILE A 148 -3.48 -2.92 18.52
C ILE A 148 -4.14 -2.81 19.89
N LEU A 149 -4.35 -1.59 20.35
CA LEU A 149 -4.93 -1.35 21.67
C LEU A 149 -6.45 -1.42 21.66
N PHE A 150 -7.06 -0.81 20.66
CA PHE A 150 -8.52 -0.66 20.64
C PHE A 150 -9.20 -1.47 19.53
N TRP A 151 -8.68 -2.66 19.25
CA TRP A 151 -9.30 -3.53 18.24
C TRP A 151 -10.06 -4.67 18.91
N GLN A 152 -9.59 -5.10 20.07
CA GLN A 152 -10.22 -6.19 20.81
C GLN A 152 -11.56 -5.76 21.39
N TYR A 153 -11.76 -4.46 21.52
CA TYR A 153 -13.02 -3.93 22.05
C TYR A 153 -14.08 -3.79 20.96
N PHE A 154 -13.63 -3.48 19.74
CA PHE A 154 -14.54 -3.37 18.60
C PHE A 154 -15.14 -4.72 18.27
N VAL A 155 -14.34 -5.77 18.44
CA VAL A 155 -14.81 -7.13 18.23
C VAL A 155 -15.73 -7.55 19.36
N GLY A 156 -15.28 -7.34 20.59
CA GLY A 156 -16.06 -7.70 21.77
C GLY A 156 -15.39 -8.77 22.60
N LYS A 157 -14.25 -9.26 22.11
CA LYS A 157 -13.51 -10.31 22.81
C LYS A 157 -12.05 -10.34 22.37
N ARG A 158 -11.21 -10.95 23.20
CA ARG A 158 -9.78 -11.08 22.89
C ARG A 158 -9.48 -12.45 22.29
N THR A 159 -9.23 -12.47 20.97
CA THR A 159 -8.93 -13.72 20.27
C THR A 159 -7.64 -14.34 20.79
N VAL A 160 -6.68 -13.48 21.13
CA VAL A 160 -5.38 -13.93 21.62
C VAL A 160 -5.51 -14.65 22.96
N PRO A 161 -5.13 -15.94 22.99
CA PRO A 161 -5.19 -16.74 24.21
C PRO A 161 -4.10 -16.37 25.22
N PRO A 162 -4.40 -16.49 26.51
CA PRO A 162 -3.46 -16.18 27.60
C PRO A 162 -2.20 -17.04 27.54
N GLY A 163 -1.04 -16.42 27.79
CA GLY A 163 0.23 -17.12 27.73
C GLY A 163 0.98 -16.77 26.45
N GLU A 164 0.23 -16.46 25.40
CA GLU A 164 0.82 -16.06 24.13
C GLU A 164 0.62 -14.57 23.89
N CYS A 165 1.27 -14.05 22.84
CA CYS A 165 1.15 -12.64 22.51
C CYS A 165 1.31 -12.42 21.00
N PHE A 166 0.28 -11.84 20.39
CA PHE A 166 0.32 -11.47 18.97
C PHE A 166 -0.81 -10.49 18.67
N ILE A 167 -0.69 -9.77 17.55
CA ILE A 167 -1.69 -8.78 17.17
C ILE A 167 -2.96 -9.46 16.68
N GLN A 168 -4.11 -8.97 17.15
CA GLN A 168 -5.39 -9.62 16.86
C GLN A 168 -5.89 -9.35 15.45
N PHE A 169 -5.72 -8.13 14.96
CA PHE A 169 -6.24 -7.78 13.64
C PHE A 169 -5.33 -8.30 12.53
N LEU A 170 -4.16 -8.77 12.91
CA LEU A 170 -3.23 -9.39 11.96
C LEU A 170 -3.29 -10.91 12.06
N SER A 171 -4.43 -11.43 12.52
CA SER A 171 -4.63 -12.87 12.62
C SER A 171 -4.75 -13.51 11.24
N GLU A 172 -5.42 -12.80 10.34
CA GLU A 172 -5.60 -13.28 8.97
C GLU A 172 -4.34 -13.06 8.15
N PRO A 173 -3.87 -14.11 7.46
CA PRO A 173 -2.67 -14.01 6.63
C PRO A 173 -2.87 -13.06 5.45
N THR A 174 -4.12 -12.90 5.02
CA THR A 174 -4.45 -12.01 3.91
C THR A 174 -4.18 -10.55 4.26
N ILE A 175 -4.62 -10.16 5.45
CA ILE A 175 -4.43 -8.79 5.92
C ILE A 175 -2.95 -8.53 6.21
N THR A 176 -2.30 -9.49 6.86
CA THR A 176 -0.88 -9.38 7.19
C THR A 176 -0.03 -9.21 5.94
N PHE A 177 -0.43 -9.92 4.89
CA PHE A 177 0.24 -9.84 3.60
C PHE A 177 0.06 -8.46 2.99
N GLY A 178 -1.16 -7.95 3.03
CA GLY A 178 -1.45 -6.61 2.55
C GLY A 178 -0.67 -5.58 3.34
N THR A 179 -0.54 -5.83 4.63
CA THR A 179 0.26 -4.98 5.49
C THR A 179 1.74 -5.10 5.10
N ALA A 180 2.16 -6.30 4.74
CA ALA A 180 3.56 -6.56 4.38
C ALA A 180 4.02 -5.77 3.15
N ILE A 181 3.14 -5.64 2.16
CA ILE A 181 3.48 -5.03 0.88
C ILE A 181 3.62 -3.52 0.99
N ALA A 182 2.57 -2.88 1.49
CA ALA A 182 2.57 -1.44 1.64
C ALA A 182 3.70 -0.93 2.54
N ALA A 183 4.22 -1.82 3.39
CA ALA A 183 5.11 -1.41 4.48
C ALA A 183 6.58 -1.80 4.24
N PHE A 184 6.77 -2.84 3.44
CA PHE A 184 8.13 -3.27 3.09
C PHE A 184 8.34 -3.33 1.57
N TYR A 185 7.53 -4.12 0.88
CA TYR A 185 7.65 -4.31 -0.56
C TYR A 185 7.56 -2.99 -1.32
N MET A 186 6.62 -2.13 -0.94
CA MET A 186 6.47 -0.85 -1.64
C MET A 186 7.59 0.14 -1.28
N PRO A 187 7.96 0.27 0.01
CA PRO A 187 9.09 1.19 0.27
C PRO A 187 10.43 0.69 -0.29
N VAL A 188 10.68 -0.61 -0.24
CA VAL A 188 11.91 -1.16 -0.78
C VAL A 188 12.03 -0.92 -2.28
N THR A 189 10.96 -1.22 -3.02
CA THR A 189 10.97 -1.03 -4.47
C THR A 189 11.15 0.44 -4.84
N ILE A 190 10.59 1.33 -4.02
CA ILE A 190 10.76 2.76 -4.22
C ILE A 190 12.20 3.18 -3.99
N MET A 191 12.73 2.81 -2.83
CA MET A 191 14.11 3.15 -2.46
C MET A 191 15.12 2.43 -3.36
N THR A 192 14.68 1.37 -4.04
CA THR A 192 15.52 0.69 -5.01
C THR A 192 15.66 1.53 -6.27
N ILE A 193 14.54 2.08 -6.72
CA ILE A 193 14.52 2.95 -7.89
C ILE A 193 15.29 4.23 -7.64
N LEU A 194 15.08 4.81 -6.46
CA LEU A 194 15.76 6.06 -6.09
C LEU A 194 17.27 5.89 -6.03
N TYR A 195 17.72 4.83 -5.36
CA TYR A 195 19.15 4.56 -5.20
C TYR A 195 19.87 4.43 -6.54
N TRP A 196 19.24 3.76 -7.49
CA TRP A 196 19.84 3.60 -8.82
C TRP A 196 19.89 4.93 -9.55
N ARG A 197 18.88 5.76 -9.34
CA ARG A 197 18.84 7.08 -9.96
C ARG A 197 19.92 7.99 -9.39
N ILE A 198 20.24 7.81 -8.12
CA ILE A 198 21.27 8.60 -7.47
C ILE A 198 22.66 8.09 -7.86
N TYR A 199 22.80 6.77 -7.96
CA TYR A 199 24.08 6.15 -8.28
C TYR A 199 24.45 6.30 -9.75
N LYS A 200 23.42 6.33 -10.62
CA LYS A 200 23.66 6.49 -12.05
C LYS A 200 23.93 7.95 -12.39
N GLU A 201 23.18 8.85 -11.76
CA GLU A 201 23.36 10.29 -11.99
C GLU A 201 24.41 10.85 -11.04
N THR A 202 25.57 10.20 -11.01
CA THR A 202 26.70 10.68 -10.21
C THR A 202 27.54 11.66 -11.02
N GLU A 203 27.71 11.36 -12.31
CA GLU A 203 28.46 12.23 -13.20
C GLU A 203 28.09 11.97 -14.67
N LYS A 204 27.14 12.72 -15.27
CA LYS A 204 26.32 13.80 -14.70
C LYS A 204 27.09 14.96 -14.06
N MET A 205 27.85 15.68 -14.87
CA MET A 205 28.60 16.84 -14.39
C MET A 205 29.03 17.75 -15.52
N ASN A 206 28.55 19.00 -15.49
CA ASN A 206 28.89 19.97 -16.51
C ASN A 206 29.64 21.17 -15.95
N ILE A 207 30.00 22.10 -16.83
CA ILE A 207 30.76 23.29 -16.44
C ILE A 207 29.93 24.23 -15.57
N PHE A 208 28.64 24.33 -15.88
CA PHE A 208 27.73 25.24 -15.19
C PHE A 208 27.69 24.95 -13.68
N GLU A 209 27.66 23.67 -13.34
CA GLU A 209 27.66 23.26 -11.94
C GLU A 209 29.09 23.25 -11.40
N MET A 210 30.06 23.14 -12.29
CA MET A 210 31.46 23.15 -11.89
C MET A 210 31.85 24.50 -11.32
N LEU A 211 31.42 25.56 -12.00
CA LEU A 211 31.65 26.92 -11.53
C LEU A 211 30.88 27.15 -10.23
N ARG A 212 29.68 26.59 -10.17
CA ARG A 212 28.78 26.73 -9.03
C ARG A 212 29.44 26.31 -7.71
N ILE A 213 30.16 25.19 -7.75
CA ILE A 213 30.86 24.69 -6.57
C ILE A 213 32.01 25.60 -6.15
N ASP A 214 32.80 26.04 -7.13
CA ASP A 214 33.98 26.85 -6.87
C ASP A 214 33.60 28.22 -6.32
N GLU A 215 32.45 28.72 -6.76
CA GLU A 215 31.95 29.99 -6.26
C GLU A 215 31.33 29.76 -4.88
N GLY A 216 31.11 28.49 -4.55
CA GLY A 216 30.31 28.14 -3.40
C GLY A 216 28.88 28.58 -3.70
N GLY A 217 28.60 28.71 -4.99
CA GLY A 217 27.36 29.29 -5.47
C GLY A 217 26.15 28.47 -5.13
N GLY A 218 24.99 29.09 -5.28
CA GLY A 218 23.73 28.43 -5.01
C GLY A 218 22.86 28.36 -6.25
N SER A 219 21.82 27.53 -6.20
CA SER A 219 20.89 27.39 -7.30
C SER A 219 20.14 28.70 -7.53
N GLY A 220 20.25 29.24 -8.73
CA GLY A 220 19.61 30.49 -9.08
C GLY A 220 18.27 30.31 -9.75
N GLY A 221 17.63 31.41 -10.09
CA GLY A 221 16.31 31.38 -10.72
C GLY A 221 16.35 30.84 -12.13
N ASP A 222 15.18 30.78 -12.77
CA ASP A 222 15.08 30.27 -14.13
C ASP A 222 15.71 31.24 -15.13
N GLU A 223 15.65 32.53 -14.81
CA GLU A 223 16.24 33.56 -15.66
C GLU A 223 17.76 33.59 -15.54
N ALA A 224 18.26 33.31 -14.35
CA ALA A 224 19.71 33.31 -14.09
C ALA A 224 20.39 32.20 -14.88
N GLU A 225 19.63 31.17 -15.23
CA GLU A 225 20.16 30.08 -16.04
C GLU A 225 20.27 30.49 -17.50
N LYS A 226 19.40 31.41 -17.92
CA LYS A 226 19.43 31.93 -19.29
C LYS A 226 20.64 32.84 -19.47
N LEU A 227 20.94 33.63 -18.45
CA LEU A 227 22.09 34.53 -18.50
C LEU A 227 23.39 33.76 -18.35
N PHE A 228 23.40 32.75 -17.50
CA PHE A 228 24.60 31.97 -17.23
C PHE A 228 25.07 31.22 -18.47
N ASN A 229 24.12 30.73 -19.25
CA ASN A 229 24.44 30.02 -20.50
C ASN A 229 25.05 30.95 -21.52
N GLN A 230 24.51 32.16 -21.61
CA GLN A 230 25.02 33.16 -22.54
C GLN A 230 26.44 33.58 -22.15
N ASP A 231 26.71 33.59 -20.85
CA ASP A 231 28.03 33.95 -20.34
C ASP A 231 29.04 32.84 -20.60
N VAL A 232 28.61 31.59 -20.48
CA VAL A 232 29.48 30.45 -20.75
C VAL A 232 29.76 30.36 -22.25
N ASP A 233 28.73 30.58 -23.06
CA ASP A 233 28.88 30.54 -24.51
C ASP A 233 29.78 31.66 -25.03
N ALA A 234 29.64 32.85 -24.45
CA ALA A 234 30.44 34.00 -24.86
C ALA A 234 31.88 33.88 -24.41
N ALA A 235 32.10 33.13 -23.34
CA ALA A 235 33.44 32.92 -22.81
C ALA A 235 34.24 32.03 -23.75
N VAL A 236 33.57 31.04 -24.32
CA VAL A 236 34.20 30.12 -25.27
C VAL A 236 34.54 30.85 -26.56
N ARG A 237 33.63 31.71 -27.02
CA ARG A 237 33.86 32.51 -28.22
C ARG A 237 35.08 33.39 -28.06
N GLY A 238 35.30 33.88 -26.84
CA GLY A 238 36.47 34.69 -26.54
C GLY A 238 37.74 33.87 -26.56
N ILE A 239 37.62 32.59 -26.20
CA ILE A 239 38.77 31.68 -26.23
C ILE A 239 39.13 31.34 -27.67
N LEU A 240 38.11 31.15 -28.51
CA LEU A 240 38.32 30.87 -29.92
C LEU A 240 38.91 32.08 -30.64
N ARG A 241 38.46 33.26 -30.25
CA ARG A 241 39.01 34.50 -30.81
C ARG A 241 40.46 34.68 -30.41
N ASN A 242 40.79 34.27 -29.19
CA ASN A 242 42.15 34.38 -28.67
C ASN A 242 43.10 33.46 -29.43
N ALA A 243 44.20 34.03 -29.92
CA ALA A 243 45.16 33.29 -30.75
C ALA A 243 46.08 32.41 -29.92
N LYS A 244 46.08 32.62 -28.61
CA LYS A 244 46.96 31.85 -27.72
C LYS A 244 46.18 30.81 -26.93
N LEU A 245 44.86 30.95 -26.90
CA LEU A 245 44.00 30.02 -26.17
C LEU A 245 43.34 29.00 -27.09
N LYS A 246 43.06 29.43 -28.33
CA LYS A 246 42.42 28.55 -29.32
C LYS A 246 43.19 27.26 -29.61
N PRO A 247 44.53 27.33 -29.76
CA PRO A 247 45.22 26.06 -30.01
C PRO A 247 45.23 25.12 -28.80
N VAL A 248 45.27 25.68 -27.60
CA VAL A 248 45.28 24.87 -26.38
C VAL A 248 43.90 24.29 -26.10
N TYR A 249 42.89 25.13 -26.23
CA TYR A 249 41.50 24.72 -25.96
C TYR A 249 41.03 23.63 -26.90
N ASP A 250 41.49 23.68 -28.14
CA ASP A 250 41.08 22.72 -29.17
C ASP A 250 41.67 21.33 -28.91
N SER A 251 42.87 21.31 -28.32
CA SER A 251 43.58 20.05 -28.07
C SER A 251 43.07 19.36 -26.80
N LEU A 252 42.28 20.09 -26.01
CA LEU A 252 41.79 19.56 -24.75
C LEU A 252 40.47 18.79 -24.91
N ASP A 253 40.24 17.89 -23.97
CA ASP A 253 39.01 17.09 -23.94
C ASP A 253 37.89 17.84 -23.24
N ALA A 254 36.67 17.32 -23.36
CA ALA A 254 35.47 18.01 -22.87
C ALA A 254 35.51 18.28 -21.36
N VAL A 255 36.31 17.51 -20.63
CA VAL A 255 36.44 17.70 -19.18
C VAL A 255 37.43 18.82 -18.86
N ARG A 256 38.60 18.78 -19.50
CA ARG A 256 39.64 19.78 -19.28
C ARG A 256 39.36 21.08 -20.01
N ARG A 257 38.47 21.03 -21.00
CA ARG A 257 38.03 22.24 -21.69
C ARG A 257 37.26 23.13 -20.74
N ALA A 258 36.35 22.54 -19.97
CA ALA A 258 35.57 23.28 -19.00
C ALA A 258 36.46 23.86 -17.90
N ALA A 259 37.47 23.09 -17.50
CA ALA A 259 38.40 23.54 -16.48
C ALA A 259 39.21 24.74 -16.96
N LEU A 260 39.35 24.86 -18.27
CA LEU A 260 40.03 26.01 -18.87
C LEU A 260 39.11 27.23 -18.82
N ILE A 261 37.82 26.99 -19.05
CA ILE A 261 36.82 28.06 -18.99
C ILE A 261 36.66 28.55 -17.55
N ASN A 262 36.97 27.66 -16.61
CA ASN A 262 36.92 28.01 -15.19
C ASN A 262 37.86 29.14 -14.85
N MET A 263 39.01 29.17 -15.52
CA MET A 263 40.02 30.20 -15.30
C MET A 263 39.68 31.46 -16.10
N VAL A 264 39.12 31.28 -17.28
CA VAL A 264 38.71 32.39 -18.13
C VAL A 264 37.55 33.16 -17.48
N PHE A 265 36.67 32.42 -16.82
CA PHE A 265 35.55 33.02 -16.10
C PHE A 265 36.05 33.86 -14.93
N GLN A 266 37.22 33.49 -14.41
CA GLN A 266 37.79 34.12 -13.24
C GLN A 266 38.73 35.27 -13.59
N MET A 267 39.83 34.94 -14.27
CA MET A 267 40.90 35.90 -14.53
C MET A 267 40.78 36.58 -15.89
N GLY A 268 39.73 36.27 -16.62
CA GLY A 268 39.55 36.82 -17.96
C GLY A 268 40.41 36.11 -18.99
N GLU A 269 40.13 36.36 -20.26
CA GLU A 269 40.84 35.69 -21.36
C GLU A 269 42.32 36.03 -21.36
N THR A 270 42.64 37.30 -21.13
CA THR A 270 44.01 37.78 -21.15
C THR A 270 44.83 37.20 -20.00
N GLY A 271 44.25 37.21 -18.80
CA GLY A 271 44.92 36.72 -17.62
C GLY A 271 45.30 35.25 -17.72
N VAL A 272 44.46 34.47 -18.40
CA VAL A 272 44.74 33.06 -18.63
C VAL A 272 45.89 32.90 -19.60
N ALA A 273 45.97 33.80 -20.58
CA ALA A 273 47.00 33.75 -21.60
C ALA A 273 48.38 34.01 -21.03
N GLY A 274 48.45 34.37 -19.76
CA GLY A 274 49.71 34.61 -19.08
C GLY A 274 50.49 33.34 -18.81
N PHE A 275 49.78 32.27 -18.44
CA PHE A 275 50.43 30.99 -18.16
C PHE A 275 50.98 30.37 -19.44
N THR A 276 52.09 30.91 -19.93
CA THR A 276 52.68 30.47 -21.19
C THR A 276 53.21 29.05 -21.10
N ASN A 277 54.02 28.78 -20.08
CA ASN A 277 54.60 27.46 -19.88
C ASN A 277 53.55 26.40 -19.58
N SER A 278 52.51 26.79 -18.87
CA SER A 278 51.44 25.85 -18.50
C SER A 278 50.62 25.46 -19.71
N LEU A 279 50.20 26.44 -20.50
CA LEU A 279 49.39 26.19 -21.69
C LEU A 279 50.13 25.34 -22.72
N ARG A 280 51.45 25.47 -22.75
CA ARG A 280 52.27 24.66 -23.65
C ARG A 280 52.27 23.21 -23.20
N MET A 281 52.32 23.01 -21.88
CA MET A 281 52.30 21.67 -21.31
C MET A 281 50.93 21.01 -21.50
N LEU A 282 49.88 21.81 -21.46
CA LEU A 282 48.52 21.30 -21.63
C LEU A 282 48.29 20.83 -23.07
N GLN A 283 48.90 21.52 -24.02
CA GLN A 283 48.80 21.15 -25.42
C GLN A 283 49.72 19.98 -25.74
N GLN A 284 50.82 19.89 -25.00
CA GLN A 284 51.80 18.82 -25.19
C GLN A 284 51.46 17.58 -24.36
N LYS A 285 50.23 17.53 -23.85
CA LYS A 285 49.72 16.40 -23.07
C LYS A 285 50.60 16.05 -21.87
N ARG A 286 51.29 17.05 -21.32
CA ARG A 286 52.10 16.88 -20.13
C ARG A 286 51.36 17.41 -18.91
N TRP A 287 50.49 16.58 -18.34
CA TRP A 287 49.59 17.01 -17.28
C TRP A 287 50.28 17.13 -15.93
N ASP A 288 51.18 16.19 -15.64
CA ASP A 288 51.85 16.15 -14.35
C ASP A 288 52.78 17.36 -14.14
N GLU A 289 53.37 17.83 -15.22
CA GLU A 289 54.30 18.96 -15.15
C GLU A 289 53.58 20.30 -15.05
N ALA A 290 52.38 20.36 -15.63
CA ALA A 290 51.59 21.59 -15.63
C ALA A 290 50.91 21.82 -14.28
N ALA A 291 50.59 20.73 -13.59
CA ALA A 291 49.94 20.80 -12.29
C ALA A 291 50.87 21.45 -11.26
N VAL A 292 52.12 21.04 -11.26
CA VAL A 292 53.12 21.61 -10.38
C VAL A 292 53.39 23.07 -10.78
N ASN A 293 53.37 23.31 -12.08
CA ASN A 293 53.63 24.64 -12.62
C ASN A 293 52.54 25.64 -12.28
N LEU A 294 51.28 25.20 -12.36
CA LEU A 294 50.15 26.06 -12.04
C LEU A 294 49.99 26.26 -10.54
N ALA A 295 50.67 25.42 -9.76
CA ALA A 295 50.56 25.45 -8.31
C ALA A 295 51.58 26.39 -7.68
N LYS A 296 52.43 26.98 -8.52
CA LYS A 296 53.47 27.88 -8.03
C LYS A 296 53.26 29.30 -8.57
N SER A 297 52.02 29.65 -8.82
CA SER A 297 51.69 30.97 -9.33
C SER A 297 50.99 31.82 -8.29
N ARG A 298 50.44 32.95 -8.72
CA ARG A 298 49.69 33.83 -7.83
C ARG A 298 48.23 33.38 -7.76
N TRP A 299 47.81 32.60 -8.75
CA TRP A 299 46.44 32.10 -8.81
C TRP A 299 46.20 31.04 -7.76
N TYR A 300 47.23 30.26 -7.45
CA TYR A 300 47.12 29.21 -6.43
C TYR A 300 47.22 29.80 -5.03
N ASN A 301 47.75 31.01 -4.94
CA ASN A 301 47.89 31.68 -3.65
C ASN A 301 46.72 32.61 -3.34
N GLN A 302 46.00 33.02 -4.38
CA GLN A 302 44.84 33.88 -4.20
C GLN A 302 43.61 33.06 -3.82
N THR A 303 43.31 32.04 -4.62
CA THR A 303 42.18 31.16 -4.36
C THR A 303 42.62 29.70 -4.40
N PRO A 304 43.22 29.22 -3.30
CA PRO A 304 43.81 27.87 -3.22
C PRO A 304 42.79 26.75 -3.40
N ASN A 305 41.67 26.81 -2.70
CA ASN A 305 40.67 25.75 -2.78
C ASN A 305 40.05 25.64 -4.18
N ARG A 306 39.79 26.79 -4.81
CA ARG A 306 39.25 26.80 -6.15
C ARG A 306 40.26 26.27 -7.15
N ALA A 307 41.52 26.67 -6.96
CA ALA A 307 42.59 26.24 -7.84
C ALA A 307 42.87 24.75 -7.68
N LYS A 308 42.90 24.28 -6.44
CA LYS A 308 43.20 22.89 -6.14
C LYS A 308 42.23 21.93 -6.82
N ARG A 309 41.00 22.38 -7.02
CA ARG A 309 39.99 21.57 -7.69
C ARG A 309 40.13 21.67 -9.21
N VAL A 310 40.58 22.82 -9.69
CA VAL A 310 40.78 23.03 -11.13
C VAL A 310 42.07 22.33 -11.58
N ILE A 311 43.11 22.44 -10.76
CA ILE A 311 44.39 21.80 -11.06
C ILE A 311 44.25 20.28 -11.07
N THR A 312 43.51 19.75 -10.10
CA THR A 312 43.26 18.32 -10.01
C THR A 312 42.47 17.84 -11.23
N THR A 313 41.55 18.68 -11.69
CA THR A 313 40.75 18.38 -12.88
C THR A 313 41.65 18.27 -14.11
N PHE A 314 42.66 19.12 -14.17
CA PHE A 314 43.65 19.08 -15.25
C PHE A 314 44.49 17.81 -15.14
N ARG A 315 44.93 17.50 -13.93
CA ARG A 315 45.82 16.37 -13.70
C ARG A 315 45.18 15.02 -14.03
N THR A 316 44.02 14.75 -13.43
CA THR A 316 43.35 13.47 -13.59
C THR A 316 42.55 13.39 -14.90
N GLY A 317 41.94 14.51 -15.28
CA GLY A 317 41.12 14.55 -16.47
C GLY A 317 39.70 14.11 -16.18
N THR A 318 39.36 14.03 -14.90
CA THR A 318 38.03 13.63 -14.47
C THR A 318 37.43 14.66 -13.53
N TRP A 319 36.18 14.45 -13.14
CA TRP A 319 35.50 15.34 -12.20
C TRP A 319 35.64 14.82 -10.77
N ASP A 320 36.81 14.29 -10.46
CA ASP A 320 37.04 13.66 -9.15
C ASP A 320 37.28 14.68 -8.04
N ALA A 321 37.22 15.96 -8.39
CA ALA A 321 37.44 17.02 -7.41
C ALA A 321 36.13 17.74 -7.09
N TYR A 322 35.05 17.29 -7.69
CA TYR A 322 33.74 17.93 -7.50
C TYR A 322 32.65 16.93 -7.15
N LEU A 323 33.06 15.72 -6.77
CA LEU A 323 32.10 14.66 -6.46
C LEU A 323 32.42 13.95 -5.15
N ILE A 324 33.45 14.43 -4.46
CA ILE A 324 33.92 13.80 -3.22
C ILE A 324 32.86 13.83 -2.12
N LYS A 325 32.05 14.89 -2.11
CA LYS A 325 31.02 15.05 -1.08
C LYS A 325 29.75 14.31 -1.47
N GLU A 326 29.51 14.17 -2.77
CA GLU A 326 28.29 13.56 -3.26
C GLU A 326 28.38 12.04 -3.29
N LYS A 327 29.56 11.52 -3.63
CA LYS A 327 29.78 10.08 -3.67
C LYS A 327 29.79 9.49 -2.26
N LYS A 328 30.26 10.28 -1.30
CA LYS A 328 30.26 9.86 0.10
C LYS A 328 28.84 9.82 0.65
N ALA A 329 27.98 10.64 0.05
CA ALA A 329 26.58 10.69 0.45
C ALA A 329 25.81 9.47 -0.07
N ALA A 330 26.30 8.89 -1.15
CA ALA A 330 25.68 7.70 -1.73
C ALA A 330 26.17 6.43 -1.06
N GLN A 331 27.38 6.50 -0.51
CA GLN A 331 27.96 5.35 0.18
C GLN A 331 27.26 5.10 1.51
N THR A 332 26.79 6.17 2.13
CA THR A 332 26.06 6.07 3.38
C THR A 332 24.71 5.39 3.17
N LEU A 333 23.95 5.88 2.20
CA LEU A 333 22.63 5.33 1.89
C LEU A 333 22.74 3.88 1.40
N SER A 334 23.84 3.58 0.73
CA SER A 334 24.10 2.23 0.23
C SER A 334 24.24 1.23 1.37
N ALA A 335 24.88 1.66 2.45
CA ALA A 335 25.09 0.80 3.61
C ALA A 335 23.83 0.67 4.46
N ILE A 336 22.97 1.68 4.37
CA ILE A 336 21.73 1.70 5.14
C ILE A 336 20.70 0.74 4.55
N LEU A 337 20.43 0.89 3.25
CA LEU A 337 19.40 0.09 2.59
C LEU A 337 19.84 -1.35 2.38
N LEU A 338 21.14 -1.60 2.42
CA LEU A 338 21.66 -2.96 2.25
C LEU A 338 21.37 -3.80 3.49
N ALA A 339 21.50 -3.18 4.66
CA ALA A 339 21.25 -3.88 5.91
C ALA A 339 19.76 -4.07 6.14
N PHE A 340 18.96 -3.18 5.55
CA PHE A 340 17.51 -3.20 5.71
C PHE A 340 16.85 -4.28 4.86
N ILE A 341 17.44 -4.56 3.69
CA ILE A 341 16.86 -5.51 2.75
C ILE A 341 17.45 -6.90 2.94
N ILE A 342 18.42 -7.02 3.85
CA ILE A 342 19.07 -8.30 4.10
C ILE A 342 18.58 -8.91 5.41
N THR A 343 17.88 -8.11 6.20
CA THR A 343 17.40 -8.55 7.51
C THR A 343 15.87 -8.65 7.57
N TRP A 344 15.18 -7.66 7.03
CA TRP A 344 13.73 -7.64 7.06
C TRP A 344 13.11 -8.53 5.98
N THR A 345 13.92 -8.91 5.00
CA THR A 345 13.43 -9.71 3.87
C THR A 345 13.05 -11.14 4.26
N PRO A 346 13.91 -11.88 5.01
CA PRO A 346 13.53 -13.26 5.32
C PRO A 346 12.23 -13.38 6.13
N TYR A 347 11.88 -12.33 6.87
CA TYR A 347 10.60 -12.31 7.57
C TYR A 347 9.46 -12.10 6.57
N ASN A 348 9.62 -11.10 5.71
CA ASN A 348 8.59 -10.77 4.73
C ASN A 348 8.45 -11.83 3.64
N ILE A 349 9.51 -12.60 3.43
CA ILE A 349 9.43 -13.76 2.53
C ILE A 349 8.45 -14.76 3.11
N MET A 350 8.55 -14.98 4.42
CA MET A 350 7.66 -15.91 5.11
C MET A 350 6.22 -15.40 5.10
N VAL A 351 6.03 -14.11 5.32
CA VAL A 351 4.70 -13.50 5.28
C VAL A 351 4.09 -13.68 3.89
N LEU A 352 4.93 -13.55 2.87
CA LEU A 352 4.51 -13.78 1.49
C LEU A 352 4.12 -15.23 1.27
N VAL A 353 4.86 -16.14 1.90
CA VAL A 353 4.62 -17.57 1.75
C VAL A 353 3.45 -18.03 2.62
N ASN A 354 3.42 -17.56 3.87
CA ASN A 354 2.38 -17.94 4.82
C ASN A 354 0.97 -17.58 4.34
N THR A 355 0.88 -16.63 3.42
CA THR A 355 -0.40 -16.18 2.90
C THR A 355 -1.05 -17.26 2.02
N PHE A 356 -0.22 -18.06 1.36
CA PHE A 356 -0.71 -19.05 0.40
C PHE A 356 -0.69 -20.48 0.95
N CYS A 357 -0.59 -20.63 2.27
CA CYS A 357 -0.58 -21.95 2.89
C CYS A 357 -1.09 -21.91 4.32
N ASP A 358 -1.14 -23.07 4.97
CA ASP A 358 -1.60 -23.17 6.34
C ASP A 358 -0.43 -23.36 7.30
N SER A 359 -0.03 -24.60 7.51
CA SER A 359 1.08 -24.91 8.42
C SER A 359 2.29 -25.41 7.64
N CYS A 360 3.17 -24.48 7.27
CA CYS A 360 4.38 -24.82 6.53
C CYS A 360 5.58 -24.02 7.02
N ILE A 361 5.33 -23.04 7.89
CA ILE A 361 6.39 -22.23 8.46
C ILE A 361 6.39 -22.34 9.99
N PRO A 362 7.36 -23.09 10.54
CA PRO A 362 7.48 -23.33 11.99
C PRO A 362 7.63 -22.05 12.80
N LYS A 363 7.25 -22.11 14.07
CA LYS A 363 7.36 -20.96 14.96
C LYS A 363 8.83 -20.61 15.18
N THR A 364 9.70 -21.61 15.02
CA THR A 364 11.13 -21.41 15.14
C THR A 364 11.64 -20.41 14.11
N TYR A 365 11.15 -20.55 12.88
CA TYR A 365 11.58 -19.66 11.80
C TYR A 365 10.96 -18.26 11.93
N TRP A 366 9.78 -18.20 12.53
CA TRP A 366 9.14 -16.92 12.78
C TRP A 366 9.89 -16.14 13.85
N ASN A 367 10.50 -16.86 14.78
CA ASN A 367 11.29 -16.24 15.83
C ASN A 367 12.63 -15.73 15.29
N LEU A 368 13.29 -16.56 14.48
CA LEU A 368 14.56 -16.18 13.87
C LEU A 368 14.33 -15.05 12.86
N GLY A 369 13.20 -15.08 12.18
CA GLY A 369 12.85 -14.03 11.25
C GLY A 369 12.50 -12.74 11.99
N TYR A 370 12.08 -12.89 13.24
CA TYR A 370 11.72 -11.75 14.07
C TYR A 370 12.98 -11.10 14.65
N TRP A 371 13.89 -11.91 15.14
CA TRP A 371 15.12 -11.43 15.76
C TRP A 371 16.08 -10.85 14.73
N LEU A 372 16.02 -11.37 13.50
CA LEU A 372 16.91 -10.92 12.44
C LEU A 372 16.68 -9.45 12.09
N CYS A 373 15.44 -9.00 12.26
CA CYS A 373 15.08 -7.62 11.96
C CYS A 373 15.52 -6.69 13.07
N TYR A 374 15.63 -7.23 14.28
CA TYR A 374 16.07 -6.46 15.44
C TYR A 374 17.51 -5.99 15.30
N ILE A 375 18.36 -6.83 14.72
CA ILE A 375 19.78 -6.53 14.60
C ILE A 375 20.05 -5.48 13.53
N ASN A 376 19.04 -5.20 12.70
CA ASN A 376 19.15 -4.14 11.71
C ASN A 376 19.30 -2.78 12.38
N SER A 377 18.75 -2.67 13.59
CA SER A 377 18.82 -1.46 14.37
C SER A 377 20.22 -1.24 14.95
N THR A 378 21.06 -2.28 14.87
CA THR A 378 22.41 -2.23 15.41
C THR A 378 23.44 -1.87 14.34
N VAL A 379 23.13 -2.20 13.10
CA VAL A 379 24.04 -1.96 11.99
C VAL A 379 24.09 -0.47 11.63
N ASN A 380 22.96 0.20 11.78
CA ASN A 380 22.84 1.62 11.43
C ASN A 380 23.81 2.54 12.19
N PRO A 381 23.98 2.34 13.51
CA PRO A 381 25.03 3.14 14.16
C PRO A 381 26.43 2.81 13.66
N VAL A 382 26.65 1.55 13.29
CA VAL A 382 27.95 1.12 12.77
C VAL A 382 28.21 1.71 11.39
N CYS A 383 27.16 1.81 10.59
CA CYS A 383 27.26 2.39 9.25
C CYS A 383 27.58 3.88 9.31
N TYR A 384 27.30 4.50 10.45
CA TYR A 384 27.61 5.92 10.65
C TYR A 384 29.11 6.11 10.83
N ALA A 385 29.77 5.12 11.41
CA ALA A 385 31.20 5.17 11.66
C ALA A 385 31.98 4.44 10.56
N LEU A 386 31.25 3.80 9.65
CA LEU A 386 31.86 3.05 8.56
C LEU A 386 31.95 3.88 7.28
N CYS A 387 31.08 4.88 7.17
CA CYS A 387 31.05 5.75 6.00
C CYS A 387 31.51 7.16 6.34
N ASN A 388 30.75 7.84 7.20
CA ASN A 388 31.06 9.20 7.59
C ASN A 388 32.30 9.28 8.48
N THR B 8 -11.01 19.47 -34.34
CA THR B 8 -11.74 20.68 -34.69
C THR B 8 -12.75 21.05 -33.61
N ILE B 9 -13.99 21.32 -34.02
CA ILE B 9 -15.06 21.63 -33.09
C ILE B 9 -16.15 20.56 -33.14
N TRP B 10 -16.19 19.82 -34.24
CA TRP B 10 -17.17 18.75 -34.41
C TRP B 10 -16.87 17.59 -33.49
N GLN B 11 -15.61 17.45 -33.08
CA GLN B 11 -15.20 16.38 -32.18
C GLN B 11 -15.35 16.83 -30.72
N VAL B 12 -15.42 18.14 -30.51
CA VAL B 12 -15.59 18.69 -29.18
C VAL B 12 -17.01 18.43 -28.66
N VAL B 13 -17.98 18.71 -29.51
CA VAL B 13 -19.39 18.49 -29.17
C VAL B 13 -19.65 17.02 -28.90
N PHE B 14 -18.99 16.15 -29.66
CA PHE B 14 -19.12 14.72 -29.48
C PHE B 14 -18.70 14.28 -28.08
N ILE B 15 -17.59 14.83 -27.60
CA ILE B 15 -17.09 14.51 -26.27
C ILE B 15 -18.04 15.01 -25.19
N ALA B 16 -18.44 16.27 -25.30
CA ALA B 16 -19.33 16.89 -24.33
C ALA B 16 -20.69 16.19 -24.27
N PHE B 17 -21.17 15.73 -25.41
CA PHE B 17 -22.43 15.01 -25.48
C PHE B 17 -22.28 13.61 -24.88
N LEU B 18 -21.12 12.99 -25.11
CA LEU B 18 -20.86 11.66 -24.60
C LEU B 18 -20.65 11.68 -23.08
N THR B 19 -19.95 12.71 -22.61
CA THR B 19 -19.69 12.84 -21.18
C THR B 19 -20.96 13.20 -20.41
N GLY B 20 -21.80 14.01 -21.03
CA GLY B 20 -23.08 14.38 -20.43
C GLY B 20 -24.02 13.20 -20.33
N PHE B 21 -23.92 12.31 -21.31
CA PHE B 21 -24.74 11.10 -21.33
C PHE B 21 -24.36 10.18 -20.17
N LEU B 22 -23.07 9.94 -20.02
CA LEU B 22 -22.57 9.08 -18.95
C LEU B 22 -22.80 9.71 -17.58
N ALA B 23 -22.94 11.02 -17.55
CA ALA B 23 -23.18 11.74 -16.29
C ALA B 23 -24.62 11.54 -15.82
N LEU B 24 -25.57 11.67 -16.74
CA LEU B 24 -26.99 11.54 -16.41
C LEU B 24 -27.35 10.12 -15.96
N VAL B 25 -26.78 9.14 -16.63
CA VAL B 25 -27.02 7.74 -16.29
C VAL B 25 -26.44 7.43 -14.91
N THR B 26 -25.30 8.04 -14.61
CA THR B 26 -24.63 7.85 -13.33
C THR B 26 -25.43 8.46 -12.18
N ILE B 27 -25.98 9.65 -12.41
CA ILE B 27 -26.73 10.36 -11.38
C ILE B 27 -28.05 9.67 -11.06
N ILE B 28 -28.91 9.53 -12.06
CA ILE B 28 -30.23 8.94 -11.85
C ILE B 28 -30.16 7.45 -11.49
N GLY B 29 -29.00 6.85 -11.73
CA GLY B 29 -28.80 5.44 -11.41
C GLY B 29 -28.57 5.22 -9.93
N ASN B 30 -27.72 6.06 -9.33
CA ASN B 30 -27.40 5.94 -7.91
C ASN B 30 -28.46 6.57 -7.02
N ILE B 31 -29.25 7.48 -7.58
CA ILE B 31 -30.38 8.06 -6.86
C ILE B 31 -31.40 6.97 -6.56
N LEU B 32 -31.65 6.11 -7.54
CA LEU B 32 -32.57 4.99 -7.36
C LEU B 32 -32.08 4.04 -6.29
N VAL B 33 -30.78 3.79 -6.26
CA VAL B 33 -30.18 2.88 -5.28
C VAL B 33 -30.40 3.36 -3.85
N ILE B 34 -30.25 4.68 -3.64
CA ILE B 34 -30.46 5.26 -2.33
C ILE B 34 -31.93 5.21 -1.93
N VAL B 35 -32.82 5.56 -2.86
CA VAL B 35 -34.24 5.56 -2.61
C VAL B 35 -34.76 4.15 -2.34
N ALA B 36 -34.30 3.19 -3.12
CA ALA B 36 -34.72 1.79 -3.00
C ALA B 36 -34.36 1.22 -1.63
N PHE B 37 -33.29 1.71 -1.03
CA PHE B 37 -32.86 1.23 0.27
C PHE B 37 -33.74 1.80 1.38
N LYS B 38 -34.42 2.90 1.09
CA LYS B 38 -35.27 3.57 2.07
C LYS B 38 -36.75 3.26 1.87
N VAL B 39 -37.17 3.17 0.61
CA VAL B 39 -38.58 2.95 0.29
C VAL B 39 -38.95 1.47 0.46
N ASN B 40 -37.94 0.60 0.47
CA ASN B 40 -38.17 -0.82 0.61
C ASN B 40 -37.52 -1.38 1.89
N LYS B 41 -38.29 -2.16 2.64
CA LYS B 41 -37.79 -2.74 3.88
C LYS B 41 -37.16 -4.11 3.65
N GLN B 42 -37.32 -4.62 2.45
CA GLN B 42 -36.76 -5.92 2.10
C GLN B 42 -35.36 -5.76 1.51
N LEU B 43 -34.96 -4.52 1.29
CA LEU B 43 -33.62 -4.23 0.78
C LEU B 43 -32.69 -3.75 1.90
N LYS B 44 -33.28 -3.43 3.04
CA LYS B 44 -32.50 -2.92 4.18
C LYS B 44 -31.71 -4.03 4.86
N THR B 45 -30.67 -4.51 4.18
CA THR B 45 -29.79 -5.51 4.75
C THR B 45 -28.39 -4.93 4.98
N VAL B 46 -27.51 -5.71 5.61
CA VAL B 46 -26.18 -5.24 5.93
C VAL B 46 -25.33 -5.10 4.67
N ASN B 47 -25.39 -6.11 3.81
CA ASN B 47 -24.62 -6.10 2.56
C ASN B 47 -25.02 -4.94 1.64
N ASN B 48 -26.30 -4.63 1.61
CA ASN B 48 -26.79 -3.53 0.80
C ASN B 48 -26.62 -2.19 1.49
N TYR B 49 -26.29 -2.23 2.77
CA TYR B 49 -25.98 -1.02 3.52
C TYR B 49 -24.58 -0.55 3.13
N PHE B 50 -23.73 -1.50 2.75
CA PHE B 50 -22.40 -1.21 2.25
C PHE B 50 -22.47 -0.79 0.78
N LEU B 51 -23.44 -1.32 0.06
CA LEU B 51 -23.68 -0.92 -1.32
C LEU B 51 -24.23 0.49 -1.37
N LEU B 52 -24.86 0.90 -0.28
CA LEU B 52 -25.40 2.25 -0.16
C LEU B 52 -24.28 3.28 -0.05
N SER B 53 -23.19 2.89 0.60
CA SER B 53 -22.02 3.75 0.75
C SER B 53 -21.34 3.96 -0.60
N LEU B 54 -21.34 2.91 -1.41
CA LEU B 54 -20.78 2.99 -2.76
C LEU B 54 -21.64 3.85 -3.67
N ALA B 55 -22.94 3.83 -3.42
CA ALA B 55 -23.88 4.61 -4.21
C ALA B 55 -23.75 6.10 -3.92
N CYS B 56 -23.36 6.43 -2.69
CA CYS B 56 -23.16 7.81 -2.30
C CYS B 56 -21.86 8.37 -2.87
N ALA B 57 -20.84 7.51 -2.93
CA ALA B 57 -19.56 7.91 -3.50
C ALA B 57 -19.69 8.14 -5.00
N ASP B 58 -20.39 7.24 -5.68
CA ASP B 58 -20.62 7.35 -7.11
C ASP B 58 -21.44 8.59 -7.47
N LEU B 59 -22.36 8.95 -6.57
CA LEU B 59 -23.24 10.08 -6.79
C LEU B 59 -22.47 11.40 -6.78
N ILE B 60 -21.51 11.51 -5.86
CA ILE B 60 -20.67 12.70 -5.76
C ILE B 60 -19.79 12.83 -6.99
N ILE B 61 -19.26 11.71 -7.45
CA ILE B 61 -18.39 11.68 -8.63
C ILE B 61 -19.12 12.15 -9.89
N GLY B 62 -20.33 11.64 -10.09
CA GLY B 62 -21.10 11.98 -11.27
C GLY B 62 -21.66 13.38 -11.26
N VAL B 63 -21.78 13.97 -10.08
CA VAL B 63 -22.34 15.30 -9.93
C VAL B 63 -21.26 16.38 -9.89
N ILE B 64 -20.15 16.08 -9.22
CA ILE B 64 -19.08 17.05 -9.05
C ILE B 64 -17.88 16.76 -9.93
N SER B 65 -17.25 15.60 -9.74
CA SER B 65 -16.03 15.25 -10.44
C SER B 65 -16.25 15.02 -11.94
N MET B 66 -17.43 14.55 -12.31
CA MET B 66 -17.73 14.28 -13.70
C MET B 66 -17.91 15.56 -14.50
N ASN B 67 -18.58 16.54 -13.89
CA ASN B 67 -18.86 17.80 -14.56
C ASN B 67 -17.64 18.73 -14.59
N LEU B 68 -16.77 18.60 -13.60
CA LEU B 68 -15.62 19.49 -13.47
C LEU B 68 -14.40 19.01 -14.26
N PHE B 69 -14.32 17.70 -14.49
CA PHE B 69 -13.19 17.15 -15.24
C PHE B 69 -13.38 17.33 -16.74
N THR B 70 -14.63 17.51 -17.16
CA THR B 70 -14.93 17.76 -18.56
C THR B 70 -14.60 19.21 -18.91
N THR B 71 -14.58 20.06 -17.90
CA THR B 71 -14.28 21.47 -18.07
C THR B 71 -12.84 21.68 -18.53
N TYR B 72 -11.91 20.96 -17.91
CA TYR B 72 -10.50 21.07 -18.25
C TYR B 72 -10.22 20.53 -19.66
N ILE B 73 -11.00 19.53 -20.07
CA ILE B 73 -10.86 18.96 -21.40
C ILE B 73 -11.44 19.93 -22.44
N ILE B 74 -12.44 20.70 -22.02
CA ILE B 74 -13.13 21.63 -22.91
C ILE B 74 -12.45 22.99 -23.01
N MET B 75 -11.80 23.43 -21.93
CA MET B 75 -11.18 24.75 -21.89
C MET B 75 -9.66 24.74 -21.93
N ASN B 76 -9.07 23.56 -21.74
CA ASN B 76 -7.63 23.40 -21.63
C ASN B 76 -7.04 24.20 -20.46
N ARG B 77 -7.88 24.55 -19.50
CA ARG B 77 -7.47 25.33 -18.34
C ARG B 77 -8.50 25.24 -17.21
N TRP B 78 -8.09 25.60 -16.00
CA TRP B 78 -8.99 25.59 -14.85
C TRP B 78 -9.32 27.00 -14.40
N ALA B 79 -10.26 27.64 -15.10
CA ALA B 79 -10.65 29.01 -14.80
C ALA B 79 -11.74 29.07 -13.72
N LEU B 80 -11.63 28.18 -12.75
CA LEU B 80 -12.58 28.15 -11.64
C LEU B 80 -11.95 28.71 -10.37
N GLY B 81 -10.67 29.07 -10.48
CA GLY B 81 -9.93 29.61 -9.36
C GLY B 81 -8.87 28.65 -8.88
N ASN B 82 -8.29 28.95 -7.72
CA ASN B 82 -7.24 28.11 -7.15
C ASN B 82 -7.80 27.21 -6.06
N LEU B 83 -8.71 27.76 -5.24
CA LEU B 83 -9.34 27.00 -4.18
C LEU B 83 -10.25 25.90 -4.74
N ALA B 84 -10.91 26.21 -5.86
CA ALA B 84 -11.80 25.25 -6.51
C ALA B 84 -11.02 24.07 -7.07
N CYS B 85 -9.75 24.31 -7.39
CA CYS B 85 -8.89 23.26 -7.93
C CYS B 85 -8.49 22.27 -6.84
N ASP B 86 -8.24 22.78 -5.64
CA ASP B 86 -7.80 21.93 -4.52
C ASP B 86 -8.96 21.13 -3.93
N LEU B 87 -10.12 21.78 -3.80
CA LEU B 87 -11.30 21.12 -3.25
C LEU B 87 -11.76 19.99 -4.17
N TRP B 88 -11.81 20.26 -5.46
CA TRP B 88 -12.23 19.26 -6.43
C TRP B 88 -11.29 18.06 -6.44
N LEU B 89 -10.00 18.31 -6.27
CA LEU B 89 -9.02 17.25 -6.20
C LEU B 89 -9.14 16.49 -4.88
N SER B 90 -9.54 17.21 -3.84
CA SER B 90 -9.72 16.60 -2.52
C SER B 90 -10.98 15.73 -2.49
N ILE B 91 -12.07 16.25 -3.04
CA ILE B 91 -13.34 15.53 -3.11
C ILE B 91 -13.18 14.26 -3.96
N ASP B 92 -12.46 14.37 -5.06
CA ASP B 92 -12.32 13.28 -6.02
C ASP B 92 -11.48 12.13 -5.48
N TYR B 93 -10.47 12.46 -4.67
CA TYR B 93 -9.51 11.45 -4.21
C TYR B 93 -9.85 10.85 -2.85
N VAL B 94 -10.72 11.51 -2.11
CA VAL B 94 -11.17 10.98 -0.83
C VAL B 94 -12.35 10.03 -1.01
N ALA B 95 -13.33 10.47 -1.80
CA ALA B 95 -14.54 9.69 -2.04
C ALA B 95 -14.23 8.40 -2.80
N SER B 96 -13.24 8.47 -3.69
CA SER B 96 -12.87 7.31 -4.50
C SER B 96 -12.04 6.31 -3.71
N ASN B 97 -11.22 6.81 -2.78
CA ASN B 97 -10.42 5.95 -1.94
C ASN B 97 -11.28 5.23 -0.91
N ALA B 98 -12.33 5.92 -0.45
CA ALA B 98 -13.30 5.32 0.45
C ALA B 98 -14.06 4.21 -0.27
N SER B 99 -14.27 4.41 -1.56
CA SER B 99 -14.92 3.41 -2.42
C SER B 99 -14.06 2.15 -2.52
N VAL B 100 -12.75 2.35 -2.61
CA VAL B 100 -11.81 1.25 -2.64
C VAL B 100 -11.86 0.47 -1.32
N MET B 101 -11.82 1.21 -0.21
CA MET B 101 -11.90 0.61 1.11
C MET B 101 -13.25 -0.06 1.32
N ASN B 102 -14.29 0.50 0.70
CA ASN B 102 -15.63 -0.05 0.82
C ASN B 102 -15.73 -1.42 0.17
N LEU B 103 -15.04 -1.58 -0.96
CA LEU B 103 -15.00 -2.87 -1.64
C LEU B 103 -14.28 -3.91 -0.79
N LEU B 104 -13.30 -3.47 -0.02
CA LEU B 104 -12.57 -4.35 0.88
C LEU B 104 -13.49 -4.86 1.99
N VAL B 105 -14.30 -3.95 2.54
CA VAL B 105 -15.24 -4.31 3.59
C VAL B 105 -16.25 -5.32 3.07
N ILE B 106 -16.81 -5.04 1.90
CA ILE B 106 -17.77 -5.94 1.27
C ILE B 106 -17.15 -7.30 0.97
N SER B 107 -15.91 -7.29 0.47
CA SER B 107 -15.21 -8.53 0.15
C SER B 107 -14.91 -9.33 1.41
N PHE B 108 -14.51 -8.65 2.48
CA PHE B 108 -14.21 -9.33 3.74
C PHE B 108 -15.50 -9.70 4.47
N ASP B 109 -16.61 -9.08 4.10
CA ASP B 109 -17.90 -9.40 4.70
C ASP B 109 -18.46 -10.71 4.14
N ARG B 110 -18.45 -10.83 2.82
CA ARG B 110 -18.92 -12.04 2.16
C ARG B 110 -18.05 -13.24 2.52
N TYR B 111 -16.75 -13.02 2.58
CA TYR B 111 -15.79 -14.09 2.88
C TYR B 111 -15.97 -14.64 4.30
N PHE B 112 -16.27 -13.75 5.24
CA PHE B 112 -16.46 -14.16 6.63
C PHE B 112 -17.84 -14.79 6.83
N SER B 113 -18.81 -14.37 6.03
CA SER B 113 -20.18 -14.87 6.13
C SER B 113 -20.30 -16.29 5.60
N ILE B 114 -19.31 -16.72 4.83
CA ILE B 114 -19.33 -18.05 4.25
C ILE B 114 -18.45 -19.01 5.06
N THR B 115 -17.26 -18.55 5.45
CA THR B 115 -16.33 -19.37 6.21
C THR B 115 -16.88 -19.70 7.60
N ARG B 116 -17.56 -18.72 8.21
CA ARG B 116 -18.18 -18.94 9.51
C ARG B 116 -19.55 -18.26 9.57
N PRO B 117 -20.55 -18.86 8.92
CA PRO B 117 -21.90 -18.28 8.85
C PRO B 117 -22.53 -18.12 10.23
N LEU B 118 -22.34 -19.10 11.11
CA LEU B 118 -22.88 -19.02 12.46
C LEU B 118 -22.21 -17.90 13.24
N THR B 119 -20.97 -18.14 13.65
CA THR B 119 -20.21 -17.25 14.53
C THR B 119 -20.20 -15.78 14.10
N TYR B 120 -20.02 -15.53 12.80
CA TYR B 120 -19.76 -14.19 12.31
C TYR B 120 -21.02 -13.35 12.06
N ARG B 121 -22.11 -13.99 11.64
CA ARG B 121 -23.33 -13.26 11.29
C ARG B 121 -23.98 -12.54 12.46
N ALA B 122 -23.65 -12.96 13.69
CA ALA B 122 -24.21 -12.33 14.88
C ALA B 122 -23.50 -11.02 15.17
N LYS B 123 -22.36 -10.80 14.52
CA LYS B 123 -21.57 -9.60 14.72
C LYS B 123 -21.75 -8.62 13.58
N ARG B 124 -22.71 -8.88 12.70
CA ARG B 124 -22.99 -8.00 11.57
C ARG B 124 -24.12 -7.03 11.91
N THR B 125 -24.06 -6.43 13.10
CA THR B 125 -25.06 -5.47 13.53
C THR B 125 -25.01 -4.19 12.71
N THR B 126 -26.11 -3.47 12.65
CA THR B 126 -26.18 -2.22 11.90
C THR B 126 -25.31 -1.16 12.55
N LYS B 127 -25.07 -1.31 13.85
CA LYS B 127 -24.21 -0.39 14.59
C LYS B 127 -22.77 -0.46 14.08
N ARG B 128 -22.24 -1.67 13.93
CA ARG B 128 -20.90 -1.86 13.43
C ARG B 128 -20.81 -1.53 11.94
N ALA B 129 -21.92 -1.71 11.23
CA ALA B 129 -21.97 -1.42 9.80
C ALA B 129 -21.92 0.08 9.55
N GLY B 130 -22.46 0.86 10.49
CA GLY B 130 -22.43 2.30 10.40
C GLY B 130 -21.09 2.85 10.84
N VAL B 131 -20.43 2.13 11.73
CA VAL B 131 -19.10 2.49 12.20
C VAL B 131 -18.05 2.19 11.14
N MET B 132 -18.15 1.01 10.53
CA MET B 132 -17.19 0.57 9.54
C MET B 132 -17.15 1.50 8.32
N ILE B 133 -18.33 1.92 7.87
CA ILE B 133 -18.43 2.83 6.74
C ILE B 133 -17.89 4.22 7.09
N GLY B 134 -18.35 4.75 8.21
CA GLY B 134 -17.92 6.05 8.67
C GLY B 134 -16.43 6.13 8.92
N LEU B 135 -15.85 5.02 9.35
CA LEU B 135 -14.41 4.95 9.59
C LEU B 135 -13.63 5.03 8.28
N ALA B 136 -14.18 4.42 7.23
CA ALA B 136 -13.53 4.42 5.93
C ALA B 136 -13.48 5.83 5.35
N TRP B 137 -14.54 6.59 5.54
CA TRP B 137 -14.61 7.97 5.05
C TRP B 137 -13.68 8.89 5.85
N VAL B 138 -13.55 8.63 7.14
CA VAL B 138 -12.67 9.43 8.00
C VAL B 138 -11.21 9.18 7.66
N ILE B 139 -10.83 7.92 7.56
CA ILE B 139 -9.46 7.55 7.20
C ILE B 139 -9.08 8.09 5.82
N SER B 140 -9.99 7.92 4.86
CA SER B 140 -9.75 8.41 3.50
C SER B 140 -9.63 9.93 3.46
N PHE B 141 -10.35 10.59 4.35
CA PHE B 141 -10.31 12.04 4.45
C PHE B 141 -8.95 12.51 4.95
N VAL B 142 -8.53 11.97 6.10
CA VAL B 142 -7.28 12.34 6.73
C VAL B 142 -6.07 12.16 5.82
N LEU B 143 -6.08 11.09 5.04
CA LEU B 143 -4.94 10.75 4.19
C LEU B 143 -4.78 11.68 2.99
N TRP B 144 -5.90 12.13 2.42
CA TRP B 144 -5.85 12.85 1.16
C TRP B 144 -6.25 14.32 1.25
N ALA B 145 -7.31 14.62 2.00
CA ALA B 145 -7.85 15.97 2.03
C ALA B 145 -6.87 17.03 2.56
N PRO B 146 -6.22 16.79 3.72
CA PRO B 146 -5.28 17.83 4.15
C PRO B 146 -4.00 17.82 3.32
N ALA B 147 -3.62 16.65 2.83
CA ALA B 147 -2.39 16.51 2.05
C ALA B 147 -2.42 17.38 0.80
N ILE B 148 -3.51 17.28 0.04
CA ILE B 148 -3.67 18.04 -1.19
C ILE B 148 -3.76 19.54 -0.93
N LEU B 149 -4.47 19.90 0.14
CA LEU B 149 -4.73 21.31 0.43
C LEU B 149 -3.56 22.02 1.10
N PHE B 150 -2.79 21.30 1.90
CA PHE B 150 -1.72 21.92 2.69
C PHE B 150 -0.33 21.72 2.11
N TRP B 151 -0.22 21.01 0.99
CA TRP B 151 1.10 20.75 0.41
C TRP B 151 1.69 22.00 -0.22
N GLN B 152 0.82 22.89 -0.70
CA GLN B 152 1.28 24.14 -1.29
C GLN B 152 1.73 25.11 -0.21
N TYR B 153 1.27 24.89 1.02
CA TYR B 153 1.65 25.72 2.16
C TYR B 153 2.88 25.17 2.85
N PHE B 154 3.27 23.94 2.49
CA PHE B 154 4.41 23.28 3.09
C PHE B 154 5.72 23.65 2.41
N VAL B 155 5.76 23.50 1.08
CA VAL B 155 6.96 23.79 0.30
C VAL B 155 7.12 25.28 0.05
N GLY B 156 6.21 26.09 0.61
CA GLY B 156 6.29 27.53 0.49
C GLY B 156 5.36 28.10 -0.57
N LYS B 157 5.61 27.75 -1.83
CA LYS B 157 4.81 28.23 -2.93
C LYS B 157 4.01 27.09 -3.57
N ARG B 158 3.28 27.41 -4.63
CA ARG B 158 2.50 26.41 -5.35
C ARG B 158 3.16 26.06 -6.68
N THR B 159 3.65 24.83 -6.79
CA THR B 159 4.32 24.38 -8.01
C THR B 159 3.34 24.21 -9.16
N VAL B 160 2.06 24.18 -8.83
CA VAL B 160 1.00 24.06 -9.84
C VAL B 160 0.77 25.40 -10.53
N PRO B 161 1.03 25.45 -11.85
CA PRO B 161 0.90 26.68 -12.64
C PRO B 161 -0.55 27.15 -12.78
N PRO B 162 -0.76 28.47 -12.83
CA PRO B 162 -2.09 29.06 -13.03
C PRO B 162 -2.75 28.58 -14.31
N GLY B 163 -4.00 28.11 -14.21
CA GLY B 163 -4.70 27.57 -15.36
C GLY B 163 -4.75 26.06 -15.30
N GLU B 164 -3.62 25.44 -14.97
CA GLU B 164 -3.55 23.99 -14.82
C GLU B 164 -4.10 23.57 -13.46
N CYS B 165 -4.47 22.31 -13.34
CA CYS B 165 -5.02 21.79 -12.09
C CYS B 165 -4.63 20.32 -11.88
N PHE B 166 -3.82 20.08 -10.86
CA PHE B 166 -3.39 18.72 -10.51
C PHE B 166 -2.86 18.67 -9.08
N ILE B 167 -2.71 17.46 -8.56
CA ILE B 167 -2.19 17.27 -7.20
C ILE B 167 -0.69 17.54 -7.15
N GLN B 168 -0.29 18.41 -6.23
CA GLN B 168 1.08 18.92 -6.18
C GLN B 168 2.11 17.88 -5.74
N PHE B 169 1.81 17.12 -4.70
CA PHE B 169 2.77 16.17 -4.16
C PHE B 169 2.84 14.89 -4.99
N LEU B 170 1.94 14.78 -5.97
CA LEU B 170 1.95 13.66 -6.90
C LEU B 170 2.68 14.05 -8.18
N SER B 171 3.53 15.07 -8.09
CA SER B 171 4.32 15.51 -9.23
C SER B 171 5.43 14.52 -9.54
N GLU B 172 6.04 13.97 -8.50
CA GLU B 172 7.08 12.96 -8.66
C GLU B 172 6.47 11.61 -9.04
N PRO B 173 6.96 11.00 -10.13
CA PRO B 173 6.43 9.74 -10.66
C PRO B 173 6.65 8.56 -9.73
N THR B 174 7.65 8.66 -8.86
CA THR B 174 7.93 7.60 -7.89
C THR B 174 6.88 7.60 -6.78
N ILE B 175 6.47 8.79 -6.35
CA ILE B 175 5.46 8.94 -5.32
C ILE B 175 4.11 8.42 -5.81
N THR B 176 3.77 8.75 -7.05
CA THR B 176 2.53 8.30 -7.67
C THR B 176 2.53 6.78 -7.84
N PHE B 177 3.69 6.23 -8.16
CA PHE B 177 3.84 4.79 -8.33
C PHE B 177 3.65 4.06 -7.02
N GLY B 178 4.32 4.54 -5.98
CA GLY B 178 4.19 3.96 -4.65
C GLY B 178 2.77 4.07 -4.13
N THR B 179 2.11 5.18 -4.49
CA THR B 179 0.72 5.40 -4.11
C THR B 179 -0.19 4.39 -4.79
N ALA B 180 -0.04 4.24 -6.10
CA ALA B 180 -0.88 3.33 -6.88
C ALA B 180 -0.73 1.89 -6.43
N ILE B 181 0.41 1.56 -5.83
CA ILE B 181 0.65 0.21 -5.31
C ILE B 181 -0.23 -0.10 -4.11
N ALA B 182 -0.19 0.78 -3.11
CA ALA B 182 -0.92 0.56 -1.87
C ALA B 182 -2.37 1.00 -1.95
N ALA B 183 -2.76 1.58 -3.08
CA ALA B 183 -4.13 2.07 -3.24
C ALA B 183 -4.88 1.34 -4.35
N PHE B 184 -4.16 0.57 -5.15
CA PHE B 184 -4.79 -0.22 -6.21
C PHE B 184 -4.25 -1.65 -6.22
N TYR B 185 -2.94 -1.78 -6.42
CA TYR B 185 -2.31 -3.09 -6.53
C TYR B 185 -2.48 -3.92 -5.26
N MET B 186 -2.38 -3.26 -4.10
CA MET B 186 -2.53 -3.96 -2.83
C MET B 186 -3.99 -4.31 -2.53
N PRO B 187 -4.94 -3.37 -2.75
CA PRO B 187 -6.33 -3.79 -2.57
C PRO B 187 -6.78 -4.86 -3.58
N VAL B 188 -6.48 -4.67 -4.86
CA VAL B 188 -6.95 -5.57 -5.90
C VAL B 188 -6.44 -7.01 -5.70
N THR B 189 -5.15 -7.16 -5.39
CA THR B 189 -4.57 -8.47 -5.14
C THR B 189 -5.25 -9.17 -3.97
N ILE B 190 -5.66 -8.39 -2.97
CA ILE B 190 -6.38 -8.95 -1.83
C ILE B 190 -7.79 -9.37 -2.24
N MET B 191 -8.50 -8.49 -2.93
CA MET B 191 -9.87 -8.75 -3.36
C MET B 191 -9.95 -9.91 -4.34
N THR B 192 -8.84 -10.19 -5.01
CA THR B 192 -8.78 -11.31 -5.95
C THR B 192 -8.64 -12.64 -5.21
N ILE B 193 -7.69 -12.69 -4.28
CA ILE B 193 -7.47 -13.87 -3.46
C ILE B 193 -8.72 -14.24 -2.68
N LEU B 194 -9.39 -13.23 -2.11
CA LEU B 194 -10.62 -13.44 -1.36
C LEU B 194 -11.69 -14.07 -2.24
N TYR B 195 -11.82 -13.56 -3.47
CA TYR B 195 -12.87 -14.02 -4.37
C TYR B 195 -12.72 -15.49 -4.74
N TRP B 196 -11.50 -15.90 -5.08
CA TRP B 196 -11.27 -17.29 -5.49
C TRP B 196 -11.33 -18.24 -4.31
N ARG B 197 -11.24 -17.70 -3.10
CA ARG B 197 -11.49 -18.48 -1.90
C ARG B 197 -13.00 -18.61 -1.71
N ILE B 198 -13.71 -17.53 -1.98
CA ILE B 198 -15.17 -17.51 -1.89
C ILE B 198 -15.78 -18.43 -2.95
N TYR B 199 -15.22 -18.39 -4.16
CA TYR B 199 -15.71 -19.21 -5.26
C TYR B 199 -15.58 -20.70 -4.97
N LYS B 200 -14.55 -21.06 -4.20
CA LYS B 200 -14.32 -22.46 -3.84
C LYS B 200 -15.28 -22.91 -2.75
N GLU B 201 -15.57 -22.01 -1.80
CA GLU B 201 -16.46 -22.33 -0.69
C GLU B 201 -17.92 -22.18 -1.08
N THR B 202 -18.17 -21.72 -2.31
CA THR B 202 -19.51 -21.53 -2.81
C THR B 202 -20.18 -22.87 -3.11
N GLU B 203 -19.37 -23.85 -3.48
CA GLU B 203 -19.89 -25.17 -3.82
C GLU B 203 -19.67 -26.19 -2.71
N LYS B 204 -19.30 -25.72 -1.52
CA LYS B 204 -19.07 -26.60 -0.38
C LYS B 204 -20.11 -26.36 0.72
N MET B 205 -20.68 -27.44 1.23
CA MET B 205 -21.66 -27.36 2.31
C MET B 205 -21.82 -28.70 3.04
N ASN B 206 -21.98 -28.62 4.36
CA ASN B 206 -22.17 -29.82 5.18
C ASN B 206 -23.58 -29.87 5.78
N ILE B 207 -23.79 -30.81 6.69
CA ILE B 207 -25.11 -31.01 7.30
C ILE B 207 -25.42 -29.94 8.35
N PHE B 208 -24.40 -29.54 9.11
CA PHE B 208 -24.55 -28.54 10.16
C PHE B 208 -25.06 -27.22 9.59
N GLU B 209 -24.54 -26.84 8.43
CA GLU B 209 -24.99 -25.62 7.77
C GLU B 209 -26.35 -25.81 7.11
N MET B 210 -26.63 -27.05 6.70
CA MET B 210 -27.90 -27.37 6.08
C MET B 210 -29.05 -27.16 7.05
N LEU B 211 -28.85 -27.61 8.29
CA LEU B 211 -29.88 -27.49 9.32
C LEU B 211 -30.07 -26.03 9.73
N ARG B 212 -28.96 -25.29 9.82
CA ARG B 212 -29.01 -23.88 10.19
C ARG B 212 -29.89 -23.09 9.23
N ILE B 213 -29.84 -23.44 7.95
CA ILE B 213 -30.65 -22.78 6.94
C ILE B 213 -32.13 -23.10 7.10
N ASP B 214 -32.42 -24.37 7.38
CA ASP B 214 -33.80 -24.83 7.51
C ASP B 214 -34.39 -24.50 8.87
N GLU B 215 -33.55 -24.04 9.80
CA GLU B 215 -34.02 -23.66 11.12
C GLU B 215 -34.09 -22.14 11.27
N GLY B 216 -34.38 -21.44 10.17
CA GLY B 216 -34.56 -20.01 10.21
C GLY B 216 -33.36 -19.20 9.76
N GLY B 217 -32.17 -19.75 9.94
CA GLY B 217 -30.95 -19.06 9.56
C GLY B 217 -30.63 -17.93 10.53
N GLY B 218 -30.11 -18.29 11.70
CA GLY B 218 -29.84 -17.31 12.74
C GLY B 218 -28.41 -17.33 13.24
N SER B 219 -28.16 -16.51 14.26
CA SER B 219 -26.85 -16.37 14.88
C SER B 219 -26.96 -15.57 16.16
N GLY B 220 -26.28 -16.01 17.22
CA GLY B 220 -25.41 -17.18 17.17
C GLY B 220 -23.96 -16.77 17.02
N GLY B 221 -23.17 -16.89 18.08
CA GLY B 221 -23.63 -17.47 19.34
C GLY B 221 -22.64 -18.52 19.80
N ASP B 222 -21.65 -18.09 20.57
CA ASP B 222 -20.60 -18.98 21.05
C ASP B 222 -21.18 -20.15 21.84
N GLU B 223 -22.13 -19.83 22.73
CA GLU B 223 -22.86 -20.86 23.45
C GLU B 223 -23.81 -21.58 22.50
N ALA B 224 -24.41 -20.82 21.59
CA ALA B 224 -25.35 -21.37 20.63
C ALA B 224 -24.66 -22.32 19.66
N GLU B 225 -23.38 -22.07 19.38
CA GLU B 225 -22.62 -22.94 18.51
C GLU B 225 -22.37 -24.28 19.20
N LYS B 226 -22.16 -24.24 20.50
CA LYS B 226 -21.94 -25.44 21.29
C LYS B 226 -23.23 -26.25 21.41
N LEU B 227 -24.35 -25.56 21.49
CA LEU B 227 -25.65 -26.21 21.64
C LEU B 227 -26.15 -26.82 20.32
N PHE B 228 -26.04 -26.05 19.25
CA PHE B 228 -26.52 -26.51 17.94
C PHE B 228 -25.74 -27.72 17.44
N ASN B 229 -24.49 -27.85 17.87
CA ASN B 229 -23.66 -28.98 17.49
C ASN B 229 -23.94 -30.21 18.33
N GLN B 230 -24.36 -30.00 19.57
CA GLN B 230 -24.72 -31.10 20.46
C GLN B 230 -26.06 -31.71 20.07
N ASP B 231 -26.86 -30.93 19.32
CA ASP B 231 -28.16 -31.38 18.88
C ASP B 231 -28.08 -32.17 17.59
N VAL B 232 -27.11 -31.84 16.75
CA VAL B 232 -26.90 -32.55 15.48
C VAL B 232 -26.32 -33.94 15.72
N ASP B 233 -25.29 -34.02 16.56
CA ASP B 233 -24.66 -35.30 16.89
C ASP B 233 -25.61 -36.19 17.69
N ALA B 234 -26.59 -35.58 18.33
CA ALA B 234 -27.62 -36.32 19.05
C ALA B 234 -28.53 -37.06 18.08
N ALA B 235 -28.87 -36.40 16.97
CA ALA B 235 -29.71 -36.99 15.95
C ALA B 235 -28.99 -38.14 15.26
N VAL B 236 -27.69 -37.96 15.04
CA VAL B 236 -26.86 -38.98 14.41
C VAL B 236 -26.81 -40.23 15.29
N ARG B 237 -26.62 -40.03 16.59
CA ARG B 237 -26.58 -41.13 17.54
C ARG B 237 -27.94 -41.81 17.65
N GLY B 238 -28.99 -41.05 17.38
CA GLY B 238 -30.34 -41.59 17.40
C GLY B 238 -30.60 -42.49 16.21
N ILE B 239 -30.11 -42.09 15.05
CA ILE B 239 -30.24 -42.88 13.83
C ILE B 239 -29.43 -44.17 13.95
N LEU B 240 -28.24 -44.06 14.51
CA LEU B 240 -27.34 -45.20 14.64
C LEU B 240 -27.84 -46.23 15.66
N ARG B 241 -28.71 -45.77 16.58
CA ARG B 241 -29.24 -46.66 17.60
C ARG B 241 -30.52 -47.33 17.11
N ASN B 242 -31.13 -46.76 16.08
CA ASN B 242 -32.36 -47.30 15.51
C ASN B 242 -32.09 -48.52 14.64
N ALA B 243 -33.09 -49.36 14.45
CA ALA B 243 -32.94 -50.59 13.68
C ALA B 243 -33.47 -50.44 12.25
N LYS B 244 -34.42 -49.52 12.07
CA LYS B 244 -35.02 -49.31 10.75
C LYS B 244 -34.47 -48.08 10.05
N LEU B 245 -33.52 -47.40 10.70
CA LEU B 245 -32.91 -46.21 10.13
C LEU B 245 -31.44 -46.45 9.78
N LYS B 246 -30.75 -47.19 10.65
CA LYS B 246 -29.33 -47.45 10.48
C LYS B 246 -28.96 -48.17 9.16
N PRO B 247 -29.73 -49.20 8.76
CA PRO B 247 -29.39 -49.80 7.46
C PRO B 247 -29.52 -48.84 6.29
N VAL B 248 -30.55 -47.99 6.32
CA VAL B 248 -30.75 -47.00 5.27
C VAL B 248 -29.67 -45.92 5.35
N TYR B 249 -29.25 -45.61 6.58
CA TYR B 249 -28.23 -44.60 6.82
C TYR B 249 -26.88 -45.02 6.25
N ASP B 250 -26.63 -46.33 6.21
CA ASP B 250 -25.37 -46.86 5.70
C ASP B 250 -25.47 -47.21 4.22
N SER B 251 -26.65 -47.04 3.65
CA SER B 251 -26.86 -47.35 2.24
C SER B 251 -27.04 -46.09 1.40
N LEU B 252 -26.55 -44.97 1.92
CA LEU B 252 -26.63 -43.68 1.22
C LEU B 252 -25.27 -43.01 1.15
N ASP B 253 -25.14 -42.05 0.23
CA ASP B 253 -23.91 -41.26 0.13
C ASP B 253 -23.97 -40.11 1.14
N ALA B 254 -22.82 -39.51 1.41
CA ALA B 254 -22.70 -38.45 2.42
C ALA B 254 -23.69 -37.31 2.21
N VAL B 255 -24.06 -37.06 0.97
CA VAL B 255 -25.04 -36.02 0.64
C VAL B 255 -26.44 -36.43 1.10
N ARG B 256 -26.84 -37.64 0.73
CA ARG B 256 -28.17 -38.14 1.06
C ARG B 256 -28.25 -38.67 2.49
N ARG B 257 -27.09 -38.95 3.08
CA ARG B 257 -27.03 -39.34 4.49
C ARG B 257 -27.41 -38.15 5.37
N ALA B 258 -27.06 -36.96 4.92
CA ALA B 258 -27.37 -35.73 5.64
C ALA B 258 -28.85 -35.39 5.54
N ALA B 259 -29.44 -35.66 4.37
CA ALA B 259 -30.86 -35.39 4.16
C ALA B 259 -31.72 -36.29 5.02
N LEU B 260 -31.18 -37.45 5.40
CA LEU B 260 -31.88 -38.36 6.29
C LEU B 260 -31.82 -37.85 7.72
N ILE B 261 -30.73 -37.16 8.06
CA ILE B 261 -30.56 -36.57 9.38
C ILE B 261 -31.52 -35.38 9.57
N ASN B 262 -31.74 -34.64 8.49
CA ASN B 262 -32.64 -33.49 8.52
C ASN B 262 -34.06 -33.86 8.93
N MET B 263 -34.55 -34.99 8.44
CA MET B 263 -35.88 -35.46 8.79
C MET B 263 -35.93 -35.96 10.23
N VAL B 264 -34.85 -36.57 10.68
CA VAL B 264 -34.76 -37.06 12.05
C VAL B 264 -34.61 -35.88 13.02
N PHE B 265 -33.89 -34.85 12.58
CA PHE B 265 -33.71 -33.66 13.39
C PHE B 265 -35.02 -32.89 13.54
N GLN B 266 -35.80 -32.85 12.47
CA GLN B 266 -37.07 -32.12 12.47
C GLN B 266 -38.17 -32.89 13.20
N MET B 267 -38.66 -33.94 12.58
CA MET B 267 -39.78 -34.70 13.13
C MET B 267 -39.32 -35.96 13.88
N GLY B 268 -38.29 -35.80 14.71
CA GLY B 268 -37.86 -36.86 15.60
C GLY B 268 -37.35 -38.13 14.93
N GLU B 269 -37.02 -39.12 15.74
CA GLU B 269 -36.50 -40.38 15.24
C GLU B 269 -37.63 -41.35 14.89
N THR B 270 -38.61 -41.47 15.77
CA THR B 270 -39.73 -42.38 15.58
C THR B 270 -40.62 -41.95 14.40
N GLY B 271 -40.75 -40.64 14.21
CA GLY B 271 -41.54 -40.11 13.13
C GLY B 271 -40.95 -40.44 11.77
N VAL B 272 -39.63 -40.45 11.69
CA VAL B 272 -38.93 -40.77 10.46
C VAL B 272 -38.99 -42.26 10.16
N ALA B 273 -39.09 -43.06 11.21
CA ALA B 273 -39.18 -44.52 11.07
C ALA B 273 -40.57 -44.94 10.63
N GLY B 274 -41.50 -43.98 10.62
CA GLY B 274 -42.87 -44.25 10.20
C GLY B 274 -42.99 -44.36 8.70
N PHE B 275 -42.13 -43.64 7.99
CA PHE B 275 -42.09 -43.72 6.53
C PHE B 275 -41.50 -45.04 6.07
N THR B 276 -42.34 -46.06 5.95
CA THR B 276 -41.89 -47.42 5.67
C THR B 276 -41.50 -47.65 4.21
N ASN B 277 -42.41 -47.29 3.29
CA ASN B 277 -42.20 -47.51 1.87
C ASN B 277 -41.01 -46.71 1.31
N SER B 278 -40.90 -45.44 1.72
CA SER B 278 -39.84 -44.58 1.23
C SER B 278 -38.46 -45.06 1.68
N LEU B 279 -38.36 -45.46 2.95
CA LEU B 279 -37.10 -45.95 3.50
C LEU B 279 -36.61 -47.20 2.77
N ARG B 280 -37.55 -47.96 2.22
CA ARG B 280 -37.21 -49.11 1.40
C ARG B 280 -36.72 -48.65 0.03
N MET B 281 -37.44 -47.69 -0.54
CA MET B 281 -37.09 -47.15 -1.85
C MET B 281 -35.75 -46.41 -1.82
N LEU B 282 -35.47 -45.74 -0.70
CA LEU B 282 -34.20 -45.04 -0.55
C LEU B 282 -33.04 -46.02 -0.46
N GLN B 283 -33.31 -47.22 0.03
CA GLN B 283 -32.30 -48.25 0.13
C GLN B 283 -32.24 -49.07 -1.16
N GLN B 284 -33.37 -49.15 -1.85
CA GLN B 284 -33.43 -49.76 -3.17
C GLN B 284 -32.97 -48.76 -4.22
N LYS B 285 -32.70 -47.54 -3.78
CA LYS B 285 -32.16 -46.47 -4.61
C LYS B 285 -33.06 -46.16 -5.82
N ARG B 286 -34.36 -46.07 -5.56
CA ARG B 286 -35.31 -45.59 -6.55
C ARG B 286 -35.78 -44.20 -6.12
N TRP B 287 -34.94 -43.20 -6.36
CA TRP B 287 -35.14 -41.85 -5.82
C TRP B 287 -36.43 -41.19 -6.30
N ASP B 288 -36.73 -41.34 -7.59
CA ASP B 288 -37.93 -40.72 -8.16
C ASP B 288 -39.20 -41.32 -7.56
N GLU B 289 -39.13 -42.58 -7.17
CA GLU B 289 -40.26 -43.24 -6.52
C GLU B 289 -40.46 -42.72 -5.11
N ALA B 290 -39.37 -42.62 -4.35
CA ALA B 290 -39.40 -42.13 -2.98
C ALA B 290 -39.75 -40.65 -2.92
N ALA B 291 -39.50 -39.94 -4.02
CA ALA B 291 -39.82 -38.52 -4.11
C ALA B 291 -41.33 -38.31 -4.09
N VAL B 292 -42.02 -38.98 -5.00
CA VAL B 292 -43.48 -38.91 -5.07
C VAL B 292 -44.09 -39.50 -3.81
N ASN B 293 -43.44 -40.55 -3.30
CA ASN B 293 -43.91 -41.26 -2.12
C ASN B 293 -43.89 -40.38 -0.87
N LEU B 294 -42.84 -39.59 -0.72
CA LEU B 294 -42.71 -38.69 0.42
C LEU B 294 -43.53 -37.42 0.22
N ALA B 295 -43.96 -37.18 -1.01
CA ALA B 295 -44.70 -35.97 -1.35
C ALA B 295 -46.18 -36.09 -1.04
N LYS B 296 -46.58 -37.23 -0.48
CA LYS B 296 -47.98 -37.49 -0.17
C LYS B 296 -48.22 -37.61 1.33
N SER B 297 -47.16 -37.43 2.12
CA SER B 297 -47.26 -37.57 3.57
C SER B 297 -47.69 -36.27 4.24
N ARG B 298 -47.81 -36.30 5.56
CA ARG B 298 -48.20 -35.13 6.33
C ARG B 298 -47.08 -34.10 6.38
N TRP B 299 -45.85 -34.57 6.19
CA TRP B 299 -44.68 -33.72 6.22
C TRP B 299 -44.69 -32.72 5.06
N TYR B 300 -45.32 -33.10 3.95
CA TYR B 300 -45.40 -32.22 2.80
C TYR B 300 -46.55 -31.23 2.94
N ASN B 301 -47.51 -31.57 3.79
CA ASN B 301 -48.62 -30.68 4.08
C ASN B 301 -48.21 -29.62 5.10
N GLN B 302 -47.51 -30.07 6.14
CA GLN B 302 -46.99 -29.16 7.15
C GLN B 302 -45.56 -28.77 6.79
N THR B 303 -45.39 -27.52 6.38
CA THR B 303 -44.12 -26.99 5.88
C THR B 303 -43.64 -27.75 4.65
N PRO B 304 -44.18 -27.39 3.47
CA PRO B 304 -43.80 -28.01 2.20
C PRO B 304 -42.47 -27.49 1.63
N ASN B 305 -42.15 -26.23 1.90
CA ASN B 305 -40.94 -25.62 1.37
C ASN B 305 -39.67 -26.30 1.88
N ARG B 306 -39.71 -26.76 3.13
CA ARG B 306 -38.58 -27.49 3.69
C ARG B 306 -38.56 -28.91 3.16
N ALA B 307 -39.75 -29.45 2.89
CA ALA B 307 -39.88 -30.80 2.36
C ALA B 307 -39.28 -30.88 0.96
N LYS B 308 -39.47 -29.83 0.17
CA LYS B 308 -38.94 -29.78 -1.19
C LYS B 308 -37.42 -29.80 -1.19
N ARG B 309 -36.81 -29.13 -0.23
CA ARG B 309 -35.36 -29.03 -0.16
C ARG B 309 -34.72 -30.39 0.13
N VAL B 310 -35.39 -31.19 0.96
CA VAL B 310 -34.86 -32.48 1.37
C VAL B 310 -35.11 -33.55 0.32
N ILE B 311 -36.28 -33.47 -0.33
CA ILE B 311 -36.65 -34.44 -1.36
C ILE B 311 -35.75 -34.29 -2.60
N THR B 312 -35.50 -33.04 -2.99
CA THR B 312 -34.62 -32.75 -4.13
C THR B 312 -33.21 -33.25 -3.86
N THR B 313 -32.80 -33.22 -2.59
CA THR B 313 -31.50 -33.73 -2.19
C THR B 313 -31.43 -35.24 -2.42
N PHE B 314 -32.55 -35.92 -2.19
CA PHE B 314 -32.64 -37.35 -2.47
C PHE B 314 -32.61 -37.58 -3.97
N ARG B 315 -33.34 -36.76 -4.70
CA ARG B 315 -33.42 -36.84 -6.15
C ARG B 315 -32.07 -36.67 -6.83
N THR B 316 -31.57 -35.42 -6.80
CA THR B 316 -30.35 -35.07 -7.52
C THR B 316 -29.09 -35.58 -6.83
N GLY B 317 -29.08 -35.54 -5.50
CA GLY B 317 -27.92 -35.96 -4.75
C GLY B 317 -26.90 -34.85 -4.62
N THR B 318 -27.35 -33.61 -4.82
CA THR B 318 -26.48 -32.44 -4.71
C THR B 318 -27.05 -31.43 -3.73
N TRP B 319 -26.24 -30.43 -3.39
CA TRP B 319 -26.65 -29.37 -2.48
C TRP B 319 -27.20 -28.17 -3.25
N ASP B 320 -27.60 -28.40 -4.49
CA ASP B 320 -28.05 -27.32 -5.37
C ASP B 320 -29.37 -26.70 -4.91
N ALA B 321 -29.94 -27.25 -3.84
CA ALA B 321 -31.17 -26.71 -3.27
C ALA B 321 -30.86 -25.67 -2.20
N TYR B 322 -29.62 -25.70 -1.70
CA TYR B 322 -29.20 -24.79 -0.65
C TYR B 322 -28.09 -23.83 -1.13
N LEU B 323 -27.45 -24.19 -2.24
CA LEU B 323 -26.39 -23.36 -2.79
C LEU B 323 -26.91 -22.31 -3.75
N ILE B 324 -28.22 -22.10 -3.72
CA ILE B 324 -28.85 -21.10 -4.59
C ILE B 324 -28.61 -19.69 -4.07
N LYS B 325 -28.24 -19.58 -2.81
CA LYS B 325 -28.00 -18.28 -2.19
C LYS B 325 -26.52 -17.88 -2.28
N GLU B 326 -25.64 -18.84 -2.03
CA GLU B 326 -24.21 -18.59 -2.06
C GLU B 326 -23.73 -18.24 -3.47
N LYS B 327 -24.29 -18.92 -4.47
CA LYS B 327 -23.92 -18.69 -5.86
C LYS B 327 -24.45 -17.34 -6.34
N LYS B 328 -25.58 -16.91 -5.79
CA LYS B 328 -26.18 -15.64 -6.16
C LYS B 328 -25.33 -14.48 -5.63
N ALA B 329 -24.79 -14.65 -4.42
CA ALA B 329 -23.95 -13.64 -3.81
C ALA B 329 -22.55 -13.64 -4.41
N ALA B 330 -22.24 -14.69 -5.17
CA ALA B 330 -20.95 -14.79 -5.84
C ALA B 330 -21.01 -14.13 -7.22
N GLN B 331 -22.20 -14.14 -7.81
CA GLN B 331 -22.40 -13.53 -9.12
C GLN B 331 -22.50 -12.02 -9.01
N THR B 332 -22.99 -11.55 -7.86
CA THR B 332 -23.12 -10.12 -7.62
C THR B 332 -21.77 -9.51 -7.27
N LEU B 333 -20.97 -10.25 -6.50
CA LEU B 333 -19.66 -9.78 -6.08
C LEU B 333 -18.68 -9.72 -7.24
N SER B 334 -18.78 -10.70 -8.14
CA SER B 334 -17.89 -10.79 -9.29
C SER B 334 -18.13 -9.64 -10.28
N ALA B 335 -19.40 -9.26 -10.44
CA ALA B 335 -19.76 -8.19 -11.35
C ALA B 335 -19.19 -6.85 -10.91
N ILE B 336 -19.27 -6.60 -9.60
CA ILE B 336 -18.72 -5.37 -9.02
C ILE B 336 -17.20 -5.40 -9.10
N LEU B 337 -16.62 -6.58 -8.91
CA LEU B 337 -15.19 -6.76 -8.91
C LEU B 337 -14.58 -6.57 -10.30
N LEU B 338 -15.16 -7.24 -11.28
CA LEU B 338 -14.62 -7.20 -12.65
C LEU B 338 -14.86 -5.85 -13.32
N ALA B 339 -15.89 -5.12 -12.89
CA ALA B 339 -16.17 -3.81 -13.45
C ALA B 339 -15.22 -2.77 -12.88
N PHE B 340 -14.65 -3.09 -11.72
CA PHE B 340 -13.69 -2.20 -11.06
C PHE B 340 -12.29 -2.41 -11.60
N ILE B 341 -11.99 -3.66 -11.96
CA ILE B 341 -10.66 -4.01 -12.45
C ILE B 341 -10.54 -3.78 -13.96
N ILE B 342 -11.65 -3.43 -14.59
CA ILE B 342 -11.66 -3.21 -16.03
C ILE B 342 -11.64 -1.72 -16.34
N THR B 343 -11.84 -0.90 -15.33
CA THR B 343 -11.89 0.55 -15.52
C THR B 343 -10.68 1.26 -14.91
N TRP B 344 -10.27 0.82 -13.72
CA TRP B 344 -9.17 1.48 -12.99
C TRP B 344 -7.80 0.94 -13.37
N THR B 345 -7.77 -0.20 -14.06
CA THR B 345 -6.51 -0.84 -14.41
C THR B 345 -5.68 -0.13 -15.49
N PRO B 346 -6.32 0.29 -16.62
CA PRO B 346 -5.50 0.93 -17.66
C PRO B 346 -4.79 2.19 -17.17
N TYR B 347 -5.42 2.92 -16.27
CA TYR B 347 -4.82 4.10 -15.66
C TYR B 347 -3.60 3.70 -14.84
N ASN B 348 -3.74 2.65 -14.04
CA ASN B 348 -2.66 2.17 -13.17
C ASN B 348 -1.51 1.55 -13.93
N ILE B 349 -1.81 0.96 -15.09
CA ILE B 349 -0.76 0.41 -15.94
C ILE B 349 0.11 1.54 -16.47
N MET B 350 -0.53 2.66 -16.82
CA MET B 350 0.18 3.83 -17.31
C MET B 350 1.03 4.48 -16.23
N VAL B 351 0.55 4.43 -14.99
CA VAL B 351 1.32 4.91 -13.84
C VAL B 351 2.59 4.09 -13.68
N LEU B 352 2.46 2.78 -13.87
CA LEU B 352 3.59 1.86 -13.80
C LEU B 352 4.62 2.16 -14.89
N VAL B 353 4.12 2.52 -16.07
CA VAL B 353 4.99 2.83 -17.20
C VAL B 353 5.63 4.20 -17.05
N ASN B 354 4.84 5.18 -16.64
CA ASN B 354 5.28 6.56 -16.50
C ASN B 354 6.38 6.73 -15.44
N THR B 355 6.54 5.73 -14.58
CA THR B 355 7.57 5.75 -13.55
C THR B 355 8.91 5.29 -14.13
N PHE B 356 8.86 4.59 -15.26
CA PHE B 356 10.06 4.05 -15.88
C PHE B 356 10.48 4.83 -17.13
N CYS B 357 9.79 5.93 -17.41
CA CYS B 357 10.14 6.80 -18.55
C CYS B 357 9.62 8.22 -18.34
N ASP B 358 10.43 9.20 -18.75
CA ASP B 358 10.07 10.61 -18.57
C ASP B 358 8.92 11.02 -19.46
N SER B 359 9.14 10.98 -20.76
CA SER B 359 8.12 11.35 -21.74
C SER B 359 7.85 10.23 -22.73
N CYS B 360 6.69 9.59 -22.60
CA CYS B 360 6.33 8.49 -23.48
C CYS B 360 4.81 8.35 -23.61
N ILE B 361 4.08 8.80 -22.59
CA ILE B 361 2.64 8.73 -22.59
C ILE B 361 2.03 10.08 -22.92
N PRO B 362 1.27 10.15 -24.03
CA PRO B 362 0.59 11.38 -24.49
C PRO B 362 -0.44 11.90 -23.48
N LYS B 363 -0.79 13.18 -23.61
CA LYS B 363 -1.76 13.80 -22.71
C LYS B 363 -3.16 13.26 -22.99
N THR B 364 -3.38 12.77 -24.20
CA THR B 364 -4.67 12.23 -24.60
C THR B 364 -5.02 10.96 -23.82
N TYR B 365 -4.04 10.09 -23.66
CA TYR B 365 -4.28 8.80 -23.01
C TYR B 365 -4.47 8.94 -21.50
N TRP B 366 -3.90 9.99 -20.92
CA TRP B 366 -4.07 10.25 -19.50
C TRP B 366 -5.51 10.66 -19.20
N ASN B 367 -6.09 11.46 -20.08
CA ASN B 367 -7.47 11.91 -19.91
C ASN B 367 -8.46 10.78 -20.17
N LEU B 368 -8.11 9.89 -21.08
CA LEU B 368 -8.95 8.75 -21.41
C LEU B 368 -8.95 7.73 -20.28
N GLY B 369 -7.79 7.55 -19.65
CA GLY B 369 -7.66 6.64 -18.53
C GLY B 369 -8.28 7.22 -17.27
N TYR B 370 -8.27 8.54 -17.17
CA TYR B 370 -8.86 9.22 -16.01
C TYR B 370 -10.37 9.18 -16.09
N TRP B 371 -10.91 9.27 -17.30
CA TRP B 371 -12.36 9.28 -17.50
C TRP B 371 -12.94 7.87 -17.49
N LEU B 372 -12.13 6.89 -17.85
CA LEU B 372 -12.58 5.50 -17.87
C LEU B 372 -12.95 5.04 -16.47
N CYS B 373 -12.25 5.59 -15.49
CA CYS B 373 -12.51 5.24 -14.09
C CYS B 373 -13.77 5.91 -13.57
N TYR B 374 -14.19 6.97 -14.25
CA TYR B 374 -15.43 7.65 -13.91
C TYR B 374 -16.64 6.81 -14.33
N ILE B 375 -16.45 6.00 -15.37
CA ILE B 375 -17.52 5.13 -15.88
C ILE B 375 -17.78 3.99 -14.90
N ASN B 376 -16.79 3.69 -14.06
CA ASN B 376 -16.93 2.67 -13.03
C ASN B 376 -18.09 2.98 -12.07
N SER B 377 -18.34 4.26 -11.87
CA SER B 377 -19.44 4.70 -11.01
C SER B 377 -20.79 4.50 -11.69
N THR B 378 -20.76 4.21 -12.98
CA THR B 378 -21.99 4.04 -13.76
C THR B 378 -22.37 2.56 -13.88
N VAL B 379 -21.35 1.70 -13.87
CA VAL B 379 -21.56 0.26 -14.05
C VAL B 379 -22.18 -0.38 -12.81
N ASN B 380 -21.74 0.07 -11.64
CA ASN B 380 -22.20 -0.52 -10.37
C ASN B 380 -23.72 -0.46 -10.13
N PRO B 381 -24.38 0.67 -10.47
CA PRO B 381 -25.84 0.63 -10.32
C PRO B 381 -26.50 -0.33 -11.32
N VAL B 382 -25.91 -0.47 -12.50
CA VAL B 382 -26.44 -1.36 -13.52
C VAL B 382 -26.30 -2.82 -13.10
N CYS B 383 -25.20 -3.12 -12.41
CA CYS B 383 -24.94 -4.49 -11.95
C CYS B 383 -25.94 -4.93 -10.89
N TYR B 384 -26.51 -3.97 -10.18
CA TYR B 384 -27.51 -4.27 -9.14
C TYR B 384 -28.80 -4.81 -9.76
N ALA B 385 -29.10 -4.38 -10.97
CA ALA B 385 -30.34 -4.75 -11.65
C ALA B 385 -30.18 -6.02 -12.49
N LEU B 386 -28.98 -6.22 -13.01
CA LEU B 386 -28.70 -7.36 -13.88
C LEU B 386 -28.26 -8.59 -13.09
N CYS B 387 -28.32 -8.48 -11.77
CA CYS B 387 -27.97 -9.60 -10.90
C CYS B 387 -29.05 -9.85 -9.86
N ASN B 388 -29.47 -8.80 -9.17
CA ASN B 388 -30.52 -8.92 -8.17
C ASN B 388 -31.89 -8.54 -8.73
N LYS B 389 -32.89 -9.37 -8.44
CA LYS B 389 -34.23 -9.15 -8.96
C LYS B 389 -35.05 -8.22 -8.06
N THR B 390 -34.50 -7.91 -6.89
CA THR B 390 -35.18 -7.03 -5.94
C THR B 390 -35.01 -5.57 -6.33
N PHE B 391 -33.83 -5.23 -6.84
CA PHE B 391 -33.55 -3.88 -7.31
C PHE B 391 -34.23 -3.62 -8.65
N ARG B 392 -34.35 -4.66 -9.47
CA ARG B 392 -34.95 -4.56 -10.79
C ARG B 392 -36.42 -4.17 -10.70
N THR B 393 -37.14 -4.81 -9.78
CA THR B 393 -38.56 -4.54 -9.60
C THR B 393 -38.80 -3.23 -8.87
N THR B 394 -37.86 -2.86 -8.00
CA THR B 394 -37.97 -1.64 -7.23
C THR B 394 -37.74 -0.41 -8.11
N PHE B 395 -36.76 -0.50 -8.99
CA PHE B 395 -36.44 0.59 -9.91
C PHE B 395 -37.57 0.80 -10.92
N LYS B 396 -38.35 -0.24 -11.15
CA LYS B 396 -39.47 -0.17 -12.09
C LYS B 396 -40.64 0.60 -11.48
N THR B 397 -40.77 0.54 -10.17
CA THR B 397 -41.83 1.25 -9.46
C THR B 397 -41.65 2.76 -9.59
N LEU B 398 -40.40 3.21 -9.50
CA LEU B 398 -40.08 4.62 -9.63
C LEU B 398 -40.20 5.08 -11.09
N LEU B 399 -40.10 4.12 -12.01
CA LEU B 399 -40.18 4.43 -13.43
C LEU B 399 -41.46 3.85 -14.05
O1 TAR C . 52.57 29.35 -14.55
O11 TAR C . 52.54 29.01 -16.75
C1 TAR C . 52.97 29.56 -15.71
C2 TAR C . 54.12 30.57 -15.89
O2 TAR C . 54.07 31.51 -14.81
C3 TAR C . 55.47 29.83 -15.86
O3 TAR C . 55.61 29.13 -14.61
C4 TAR C . 56.61 30.84 -16.01
O4 TAR C . 57.03 31.39 -14.97
O41 TAR C . 57.03 31.04 -17.17
C10 3C0 D . 5.44 -5.72 7.40
C13 3C0 D . 8.63 -7.14 10.74
C15 3C0 D . 8.26 -7.00 13.29
C17 3C0 D . 8.74 -4.76 12.54
C20 3C0 D . 9.99 -6.20 14.88
C21 3C0 D . 10.53 -7.94 13.46
C22 3C0 D . 9.94 -5.77 12.44
N19 3C0 D . 9.69 -6.73 13.54
C14 3C0 D . 8.06 -7.83 12.00
C16 3C0 D . 7.61 -5.59 13.13
O18 3C0 D . 8.12 -4.41 13.82
C23 3C0 D . 9.98 -6.50 11.08
O12 3C0 D . 7.75 -6.15 10.20
C02 3C0 D . 7.12 -6.51 9.07
O01 3C0 D . 7.59 -7.25 8.21
C03 3C0 D . 5.73 -5.87 8.88
O11 3C0 D . 5.87 -6.89 6.71
C04 3C0 D . 5.68 -4.63 9.48
C05 3C0 D . 5.37 -4.53 10.82
C06 3C0 D . 5.34 -3.30 11.43
C07 3C0 D . 5.57 -2.15 10.71
C08 3C0 D . 5.88 -2.24 9.36
C09 3C0 D . 5.94 -3.48 8.75
O1 TAR E . -43.99 -42.32 3.41
O11 TAR E . -42.76 -44.18 3.33
C1 TAR E . -43.84 -43.55 3.28
C2 TAR E . -45.10 -44.37 3.00
O2 TAR E . -45.66 -44.85 4.22
C3 TAR E . -46.14 -43.48 2.28
O3 TAR E . -46.45 -42.37 3.12
C4 TAR E . -47.40 -44.30 2.00
O4 TAR E . -48.27 -44.32 2.90
O41 TAR E . -47.46 -44.88 0.89
O1 TAR F . -45.25 -20.68 5.36
O11 TAR F . -46.18 -22.71 5.46
C1 TAR F . -45.21 -21.93 5.29
C2 TAR F . -43.86 -22.57 5.00
O2 TAR F . -42.98 -21.58 4.46
C3 TAR F . -43.26 -23.13 6.30
O3 TAR F . -43.08 -22.06 7.24
C4 TAR F . -41.92 -23.79 6.00
O4 TAR F . -41.10 -23.88 6.94
O41 TAR F . -41.74 -24.22 4.83
C10 3C0 G . -3.91 5.21 -8.15
C13 3C0 G . -7.67 7.02 -10.49
C15 3C0 G . -8.53 9.41 -10.00
C17 3C0 G . -9.72 7.92 -8.53
C20 3C0 G . -10.86 10.14 -10.28
C21 3C0 G . -9.85 9.12 -12.08
C22 3C0 G . -10.09 7.79 -10.04
N19 3C0 G . -9.84 9.13 -10.62
C14 3C0 G . -7.42 8.54 -10.62
C16 3C0 G . -8.70 9.03 -8.51
O18 3C0 G . -9.98 9.16 -7.82
C23 3C0 G . -9.18 6.74 -10.70
O12 3C0 G . -7.21 6.47 -9.24
C02 3C0 G . -5.97 5.97 -9.41
O01 3C0 G . -5.62 5.29 -10.38
C03 3C0 G . -4.98 6.31 -8.29
O11 3C0 G . -3.87 4.39 -9.32
C04 3C0 G . -5.67 6.42 -7.09
C05 3C0 G . -5.92 5.28 -6.32
C06 3C0 G . -6.62 5.41 -5.12
C07 3C0 G . -7.05 6.65 -4.69
C08 3C0 G . -6.80 7.79 -5.45
C09 3C0 G . -6.11 7.66 -6.65
#